data_8FUY
#
_entry.id   8FUY
#
_cell.length_a   121.510
_cell.length_b   124.906
_cell.length_c   161.994
_cell.angle_alpha   90.00
_cell.angle_beta   90.00
_cell.angle_gamma   90.00
#
_symmetry.space_group_name_H-M   'C 2 2 21'
#
loop_
_entity.id
_entity.type
_entity.pdbx_description
1 polymer 'Glucose-6-phosphate 1-dehydrogenase'
2 non-polymer 'CITRIC ACID'
3 non-polymer 'CHLORIDE ION'
4 water water
#
_entity_poly.entity_id   1
_entity_poly.type   'polypeptide(L)'
_entity_poly.pdbx_seq_one_letter_code
;MSGEHPSIDRDPYVVDLDTILDNLREQVLDKKPDDVLKFISKSALTLQSDEKRESCERIVSKVSEEQKRRPLTVVVLGAS
GDLAKKKTFPALFQLYCDGLLPPQINIVGYARTKQDDVEKWKHETLTKYFSRLHERSCHVEPFLKHVTYFTGSYDKKEDF
QRLDEHVSKLEDAFDGEEKAGDRLFYLALPPSAFAGACGSIRAGAMPREGGWIRVIIEKPFGHDTESSAELSKAIEPFFD
ESQIYRIDHYLGKEMVQNIITTRFANRIFSALWNSNNIACVQITFKETIGTEGRGGYFDSIGIIRDVMQNHLTQILALLA
MEKPNSLDAERIRDEKVSLLKCIAPIGKDDCVLGQYTASADGSIPGYLEDETVPKGSTCPTFAVLRLHINNDRWAGVPFI
LKAGKAVEQKYVAIRIQFKDEIRPYGDAAQRNELVIRAQPSEAMYMKITTKMPGLNEDLRETHQTELDLTYHSRFNVHLP
DAYESLISDALRGNSTNFVRKDELDVAWRIFTPLLHQIDKGEVKPIPYQAGTRGPKEADDFILNSGFKFQKGYHWLAPNK
LGHHHHHH
;
_entity_poly.pdbx_strand_id   A,B
#
# COMPACT_ATOMS: atom_id res chain seq x y z
N CYS A 56 -9.14 36.11 -5.64
CA CYS A 56 -10.39 36.36 -6.41
C CYS A 56 -10.38 35.53 -7.69
N GLU A 57 -11.49 34.88 -8.03
CA GLU A 57 -11.52 33.99 -9.21
C GLU A 57 -12.81 34.20 -10.01
N ARG A 58 -12.94 33.55 -11.16
CA ARG A 58 -14.18 33.66 -11.97
C ARG A 58 -14.95 32.35 -11.85
N ILE A 59 -16.02 32.18 -12.63
CA ILE A 59 -16.86 30.96 -12.51
C ILE A 59 -17.01 30.31 -13.89
N VAL A 60 -16.51 29.08 -14.02
CA VAL A 60 -16.71 28.33 -15.29
C VAL A 60 -17.89 27.38 -15.07
N SER A 61 -18.96 27.53 -15.84
CA SER A 61 -20.16 26.69 -15.59
C SER A 61 -19.91 25.28 -16.13
N LYS A 62 -19.77 24.31 -15.25
CA LYS A 62 -19.64 22.94 -15.75
C LYS A 62 -20.98 22.31 -16.09
N VAL A 63 -22.06 23.09 -16.05
CA VAL A 63 -23.39 22.55 -16.31
C VAL A 63 -23.52 22.17 -17.78
N SER A 64 -24.11 20.99 -18.02
CA SER A 64 -24.36 20.51 -19.37
C SER A 64 -25.47 21.31 -20.05
N GLU A 65 -25.52 21.20 -21.37
CA GLU A 65 -26.57 21.89 -22.13
C GLU A 65 -27.94 21.34 -21.78
N GLU A 66 -28.03 20.06 -21.44
CA GLU A 66 -29.32 19.47 -21.09
C GLU A 66 -29.91 20.09 -19.84
N GLN A 67 -29.05 20.56 -18.92
CA GLN A 67 -29.51 21.20 -17.70
C GLN A 67 -29.83 22.67 -17.89
N LYS A 68 -29.60 23.23 -19.08
CA LYS A 68 -29.85 24.63 -19.38
C LYS A 68 -31.13 24.84 -20.18
N ARG A 69 -31.91 23.79 -20.40
CA ARG A 69 -33.06 23.91 -21.27
C ARG A 69 -34.32 24.32 -20.53
N ARG A 70 -34.46 23.95 -19.27
CA ARG A 70 -35.65 24.23 -18.50
C ARG A 70 -35.32 25.05 -17.27
N PRO A 71 -36.29 25.81 -16.74
CA PRO A 71 -36.08 26.45 -15.44
C PRO A 71 -35.84 25.41 -14.35
N LEU A 72 -35.03 25.79 -13.37
CA LEU A 72 -34.76 24.96 -12.20
C LEU A 72 -35.06 25.78 -10.96
N THR A 73 -35.85 25.22 -10.05
CA THR A 73 -36.17 25.89 -8.79
C THR A 73 -35.85 24.94 -7.63
N VAL A 74 -35.15 25.45 -6.63
CA VAL A 74 -34.84 24.69 -5.42
C VAL A 74 -35.51 25.38 -4.25
N VAL A 75 -36.47 24.70 -3.63
CA VAL A 75 -37.25 25.24 -2.51
C VAL A 75 -36.74 24.56 -1.24
N VAL A 76 -36.14 25.35 -0.35
CA VAL A 76 -35.60 24.86 0.91
C VAL A 76 -36.65 25.14 1.99
N LEU A 77 -37.47 24.14 2.31
CA LEU A 77 -38.38 24.26 3.43
C LEU A 77 -37.60 24.30 4.74
N GLY A 78 -38.06 25.12 5.68
CA GLY A 78 -37.33 25.31 6.92
C GLY A 78 -36.07 26.13 6.77
N ALA A 79 -36.10 27.16 5.92
CA ALA A 79 -34.91 27.98 5.68
C ALA A 79 -34.43 28.67 6.94
N SER A 80 -35.27 28.79 7.96
CA SER A 80 -34.87 29.36 9.24
C SER A 80 -34.18 28.34 10.16
N GLY A 81 -34.22 27.06 9.81
CA GLY A 81 -33.68 26.03 10.67
C GLY A 81 -32.15 26.00 10.68
N ASP A 82 -31.62 25.27 11.66
CA ASP A 82 -30.17 25.15 11.80
C ASP A 82 -29.57 24.48 10.58
N LEU A 83 -30.18 23.40 10.09
CA LEU A 83 -29.59 22.65 8.99
C LEU A 83 -29.56 23.47 7.70
N ALA A 84 -30.62 24.23 7.44
CA ALA A 84 -30.71 24.97 6.19
C ALA A 84 -29.59 25.99 6.06
N LYS A 85 -29.31 26.73 7.12
CA LYS A 85 -28.31 27.78 7.06
C LYS A 85 -26.91 27.32 7.40
N LYS A 86 -26.77 26.21 8.13
CA LYS A 86 -25.45 25.66 8.42
C LYS A 86 -24.97 24.70 7.35
N LYS A 87 -25.87 23.97 6.69
CA LYS A 87 -25.46 22.98 5.71
C LYS A 87 -26.04 23.21 4.32
N THR A 88 -27.32 23.52 4.21
CA THR A 88 -27.98 23.53 2.90
C THR A 88 -27.56 24.76 2.08
N PHE A 89 -27.87 25.95 2.57
CA PHE A 89 -27.48 27.16 1.84
C PHE A 89 -25.98 27.28 1.62
N PRO A 90 -25.10 26.98 2.58
CA PRO A 90 -23.66 26.99 2.26
C PRO A 90 -23.30 26.01 1.14
N ALA A 91 -23.95 24.84 1.10
CA ALA A 91 -23.69 23.89 0.02
C ALA A 91 -24.16 24.44 -1.32
N LEU A 92 -25.32 25.08 -1.34
CA LEU A 92 -25.81 25.67 -2.59
C LEU A 92 -24.86 26.75 -3.08
N PHE A 93 -24.35 27.57 -2.16
CA PHE A 93 -23.38 28.59 -2.52
C PHE A 93 -22.11 27.97 -3.11
N GLN A 94 -21.62 26.89 -2.51
CA GLN A 94 -20.44 26.21 -3.04
C GLN A 94 -20.72 25.63 -4.43
N LEU A 95 -21.92 25.09 -4.62
CA LEU A 95 -22.29 24.61 -5.95
C LEU A 95 -22.29 25.76 -6.95
N TYR A 96 -22.75 26.94 -6.53
CA TYR A 96 -22.73 28.10 -7.41
C TYR A 96 -21.29 28.50 -7.77
N CYS A 97 -20.41 28.56 -6.75
CA CYS A 97 -19.03 28.96 -7.00
C CYS A 97 -18.30 27.95 -7.89
N ASP A 98 -18.57 26.67 -7.70
CA ASP A 98 -17.97 25.63 -8.53
C ASP A 98 -18.58 25.54 -9.92
N GLY A 99 -19.59 26.35 -10.23
CA GLY A 99 -20.22 26.30 -11.53
C GLY A 99 -21.09 25.10 -11.77
N LEU A 100 -21.59 24.46 -10.72
CA LEU A 100 -22.44 23.28 -10.86
C LEU A 100 -23.92 23.62 -10.77
N LEU A 101 -24.27 24.90 -10.82
CA LEU A 101 -25.67 25.29 -10.90
C LEU A 101 -25.95 25.93 -12.25
N PRO A 102 -27.10 25.66 -12.85
CA PRO A 102 -27.41 26.24 -14.14
C PRO A 102 -27.50 27.76 -14.04
N PRO A 103 -27.26 28.47 -15.14
CA PRO A 103 -27.11 29.94 -15.07
C PRO A 103 -28.28 30.68 -14.45
N GLN A 104 -29.51 30.23 -14.70
CA GLN A 104 -30.72 30.96 -14.23
C GLN A 104 -31.52 30.18 -13.20
N ILE A 105 -30.85 29.59 -12.21
CA ILE A 105 -31.54 28.82 -11.18
C ILE A 105 -32.19 29.77 -10.20
N ASN A 106 -33.31 29.34 -9.62
CA ASN A 106 -34.01 30.08 -8.58
C ASN A 106 -33.98 29.29 -7.28
N ILE A 107 -33.61 29.95 -6.19
CA ILE A 107 -33.55 29.33 -4.88
C ILE A 107 -34.54 30.06 -3.98
N VAL A 108 -35.53 29.33 -3.47
CA VAL A 108 -36.60 29.90 -2.66
C VAL A 108 -36.41 29.42 -1.23
N GLY A 109 -36.33 30.37 -0.30
CA GLY A 109 -36.24 30.06 1.11
C GLY A 109 -37.61 30.06 1.77
N TYR A 110 -38.16 28.86 1.96
CA TYR A 110 -39.48 28.70 2.55
C TYR A 110 -39.34 28.61 4.07
N ALA A 111 -40.18 29.37 4.78
CA ALA A 111 -40.16 29.34 6.24
C ALA A 111 -41.47 29.90 6.76
N ARG A 112 -41.77 29.61 8.02
CA ARG A 112 -42.93 30.21 8.66
C ARG A 112 -42.67 31.64 9.08
N THR A 113 -41.48 31.91 9.62
CA THR A 113 -41.13 33.25 10.06
C THR A 113 -41.16 34.23 8.90
N LYS A 114 -41.84 35.35 9.10
CA LYS A 114 -41.94 36.40 8.08
C LYS A 114 -40.77 37.37 8.20
N GLN A 115 -40.20 37.77 7.07
CA GLN A 115 -39.08 38.75 7.09
C GLN A 115 -39.35 39.86 6.07
N ASP A 116 -39.75 41.04 6.54
CA ASP A 116 -40.02 42.16 5.64
C ASP A 116 -38.75 42.62 4.93
N ASP A 117 -37.61 42.55 5.60
CA ASP A 117 -36.31 42.85 4.99
C ASP A 117 -35.70 41.56 4.44
N VAL A 118 -36.20 41.16 3.26
CA VAL A 118 -35.70 39.96 2.60
C VAL A 118 -34.20 40.09 2.34
N GLU A 119 -33.73 41.29 2.05
CA GLU A 119 -32.30 41.49 1.77
C GLU A 119 -31.46 41.55 3.03
N LYS A 120 -32.07 41.65 4.20
CA LYS A 120 -31.32 41.56 5.45
C LYS A 120 -31.22 40.11 5.91
N TRP A 121 -32.29 39.33 5.72
CA TRP A 121 -32.25 37.90 6.00
C TRP A 121 -31.13 37.22 5.22
N LYS A 122 -30.89 37.65 3.98
CA LYS A 122 -29.82 37.06 3.18
C LYS A 122 -28.43 37.32 3.74
N HIS A 123 -28.25 38.36 4.55
CA HIS A 123 -26.90 38.79 4.90
C HIS A 123 -26.54 38.61 6.36
N GLU A 124 -27.47 38.22 7.22
CA GLU A 124 -27.15 38.02 8.63
C GLU A 124 -27.43 36.62 9.12
N THR A 125 -28.41 35.91 8.55
CA THR A 125 -28.69 34.53 8.91
C THR A 125 -28.44 33.55 7.78
N LEU A 126 -28.37 34.00 6.53
CA LEU A 126 -28.09 33.01 5.47
C LEU A 126 -26.58 32.90 5.28
N THR A 127 -25.93 34.03 5.06
CA THR A 127 -24.51 34.01 4.77
C THR A 127 -23.62 33.85 6.01
N LYS A 128 -24.20 33.83 7.22
CA LYS A 128 -23.37 33.70 8.41
C LYS A 128 -22.52 32.45 8.37
N TYR A 129 -23.09 31.33 7.92
CA TYR A 129 -22.38 30.07 7.89
C TYR A 129 -21.83 29.74 6.50
N PHE A 130 -21.58 30.77 5.69
CA PHE A 130 -20.87 30.54 4.44
C PHE A 130 -19.38 30.37 4.73
N SER A 131 -18.65 29.85 3.74
CA SER A 131 -17.24 29.56 3.94
C SER A 131 -16.48 29.85 2.66
N ARG A 132 -15.15 29.80 2.76
CA ARG A 132 -14.25 30.19 1.68
C ARG A 132 -14.56 31.61 1.22
N LEU A 133 -14.82 32.50 2.20
CA LEU A 133 -15.22 33.87 1.92
C LEU A 133 -14.02 34.78 1.71
N HIS A 134 -12.80 34.29 1.85
CA HIS A 134 -11.62 35.08 1.53
C HIS A 134 -11.18 34.91 0.08
N GLU A 135 -11.77 33.96 -0.65
CA GLU A 135 -11.45 33.75 -2.06
C GLU A 135 -12.67 33.63 -2.96
N ARG A 136 -13.85 33.28 -2.43
CA ARG A 136 -15.05 33.15 -3.24
C ARG A 136 -16.11 34.18 -2.85
N SER A 137 -15.74 35.18 -2.05
CA SER A 137 -16.67 36.27 -1.71
C SER A 137 -17.04 37.11 -2.92
N CYS A 138 -16.32 36.96 -4.03
CA CYS A 138 -16.61 37.77 -5.22
C CYS A 138 -18.01 37.49 -5.76
N HIS A 139 -18.62 36.37 -5.37
CA HIS A 139 -19.90 35.94 -5.92
C HIS A 139 -20.98 35.80 -4.86
N VAL A 140 -20.76 36.29 -3.64
CA VAL A 140 -21.78 36.18 -2.60
C VAL A 140 -23.02 36.99 -3.00
N GLU A 141 -22.82 38.25 -3.36
CA GLU A 141 -23.96 39.07 -3.78
C GLU A 141 -24.58 38.56 -5.07
N PRO A 142 -23.82 38.23 -6.12
CA PRO A 142 -24.46 37.65 -7.32
C PRO A 142 -25.20 36.37 -7.03
N PHE A 143 -24.77 35.61 -6.01
CA PHE A 143 -25.48 34.40 -5.64
C PHE A 143 -26.81 34.71 -4.94
N LEU A 144 -26.80 35.69 -4.03
CA LEU A 144 -28.02 36.07 -3.33
C LEU A 144 -29.08 36.65 -4.25
N LYS A 145 -28.70 37.11 -5.44
CA LYS A 145 -29.71 37.55 -6.42
C LYS A 145 -30.61 36.38 -6.82
N HIS A 146 -30.09 35.16 -6.83
CA HIS A 146 -30.88 33.99 -7.18
C HIS A 146 -31.79 33.53 -6.05
N VAL A 147 -31.67 34.13 -4.87
CA VAL A 147 -32.37 33.67 -3.67
C VAL A 147 -33.63 34.51 -3.49
N THR A 148 -34.78 33.85 -3.32
CA THR A 148 -36.04 34.48 -3.01
C THR A 148 -36.57 33.92 -1.69
N TYR A 149 -37.42 34.68 -1.04
CA TYR A 149 -37.97 34.31 0.25
C TYR A 149 -39.49 34.14 0.14
N PHE A 150 -40.03 33.16 0.84
CA PHE A 150 -41.45 32.87 0.82
C PHE A 150 -41.87 32.38 2.20
N THR A 151 -42.86 33.03 2.79
CA THR A 151 -43.35 32.65 4.10
C THR A 151 -44.62 31.82 3.98
N GLY A 152 -44.79 30.89 4.91
CA GLY A 152 -45.98 30.07 4.92
C GLY A 152 -45.81 28.88 5.84
N SER A 153 -46.90 28.12 5.96
CA SER A 153 -46.83 26.91 6.81
C SER A 153 -46.30 25.75 5.98
N TYR A 154 -45.96 24.66 6.65
CA TYR A 154 -45.44 23.46 6.01
C TYR A 154 -46.51 22.42 5.73
N ASP A 155 -47.75 22.66 6.15
CA ASP A 155 -48.78 21.63 6.06
C ASP A 155 -50.12 22.12 5.53
N LYS A 156 -50.21 23.35 5.06
CA LYS A 156 -51.46 23.90 4.53
C LYS A 156 -51.40 23.89 3.01
N LYS A 157 -52.42 23.27 2.39
CA LYS A 157 -52.40 23.08 0.94
C LYS A 157 -52.39 24.41 0.20
N GLU A 158 -53.20 25.37 0.64
CA GLU A 158 -53.27 26.65 -0.06
C GLU A 158 -51.96 27.43 0.05
N ASP A 159 -51.20 27.23 1.13
CA ASP A 159 -49.90 27.88 1.24
C ASP A 159 -48.95 27.42 0.15
N PHE A 160 -49.15 26.20 -0.38
CA PHE A 160 -48.32 25.68 -1.45
C PHE A 160 -48.88 25.98 -2.84
N GLN A 161 -50.18 26.23 -2.95
CA GLN A 161 -50.71 26.74 -4.21
C GLN A 161 -50.17 28.15 -4.49
N ARG A 162 -50.00 28.95 -3.44
CA ARG A 162 -49.36 30.25 -3.59
C ARG A 162 -47.92 30.11 -4.03
N LEU A 163 -47.20 29.13 -3.47
CA LEU A 163 -45.83 28.89 -3.87
C LEU A 163 -45.74 28.50 -5.35
N ASP A 164 -46.69 27.68 -5.81
CA ASP A 164 -46.69 27.24 -7.21
C ASP A 164 -46.80 28.44 -8.16
N GLU A 165 -47.72 29.36 -7.87
CA GLU A 165 -47.83 30.54 -8.73
C GLU A 165 -46.63 31.45 -8.55
N HIS A 166 -46.09 31.53 -7.34
CA HIS A 166 -44.86 32.29 -7.12
C HIS A 166 -43.70 31.68 -7.89
N VAL A 167 -43.56 30.35 -7.83
CA VAL A 167 -42.49 29.69 -8.59
C VAL A 167 -42.77 29.76 -10.08
N SER A 168 -44.04 29.63 -10.49
CA SER A 168 -44.39 29.76 -11.89
C SER A 168 -43.99 31.14 -12.43
N LYS A 169 -44.06 32.17 -11.59
CA LYS A 169 -43.57 33.48 -12.00
C LYS A 169 -42.08 33.44 -12.33
N LEU A 170 -41.30 32.73 -11.53
CA LEU A 170 -39.88 32.60 -11.81
C LEU A 170 -39.63 31.74 -13.03
N GLU A 171 -40.44 30.69 -13.22
CA GLU A 171 -40.30 29.83 -14.39
C GLU A 171 -40.61 30.61 -15.67
N ASP A 172 -41.61 31.49 -15.63
CA ASP A 172 -41.96 32.25 -16.84
C ASP A 172 -40.89 33.28 -17.20
N ALA A 173 -40.13 33.76 -16.22
CA ALA A 173 -39.06 34.72 -16.47
C ALA A 173 -37.80 34.09 -17.04
N PHE A 174 -37.78 32.77 -17.23
CA PHE A 174 -36.62 32.08 -17.77
C PHE A 174 -36.32 32.51 -19.20
N ASP A 175 -35.04 32.61 -19.54
CA ASP A 175 -34.62 32.87 -20.91
C ASP A 175 -34.65 31.55 -21.68
N GLY A 176 -35.67 31.36 -22.49
CA GLY A 176 -35.83 30.15 -23.26
C GLY A 176 -37.29 29.88 -23.56
N GLU A 177 -37.51 29.13 -24.64
CA GLU A 177 -38.88 28.81 -25.04
C GLU A 177 -39.57 27.97 -23.97
N GLU A 178 -38.86 26.99 -23.43
CA GLU A 178 -39.46 26.08 -22.45
C GLU A 178 -39.62 26.77 -21.09
N LYS A 179 -40.85 26.77 -20.57
CA LYS A 179 -41.11 27.36 -19.27
C LYS A 179 -41.46 26.32 -18.20
N ALA A 180 -41.64 25.06 -18.58
CA ALA A 180 -41.87 23.99 -17.61
C ALA A 180 -40.60 23.77 -16.80
N GLY A 181 -40.64 24.10 -15.51
CA GLY A 181 -39.47 24.05 -14.66
C GLY A 181 -39.35 22.76 -13.86
N ASP A 182 -38.11 22.31 -13.69
CA ASP A 182 -37.83 21.25 -12.73
C ASP A 182 -37.84 21.86 -11.33
N ARG A 183 -38.37 21.10 -10.37
CA ARG A 183 -38.53 21.58 -9.00
C ARG A 183 -37.91 20.58 -8.03
N LEU A 184 -37.02 21.07 -7.17
CA LEU A 184 -36.41 20.25 -6.12
C LEU A 184 -36.77 20.82 -4.76
N PHE A 185 -37.32 19.98 -3.90
CA PHE A 185 -37.74 20.38 -2.56
C PHE A 185 -36.81 19.75 -1.53
N TYR A 186 -36.22 20.57 -0.68
CA TYR A 186 -35.34 20.12 0.39
C TYR A 186 -36.10 20.27 1.71
N LEU A 187 -36.42 19.14 2.34
CA LEU A 187 -37.23 19.16 3.57
C LEU A 187 -36.30 19.19 4.78
N ALA A 188 -35.73 20.37 5.03
CA ALA A 188 -34.92 20.61 6.23
C ALA A 188 -35.83 20.91 7.42
N LEU A 189 -36.62 19.91 7.78
CA LEU A 189 -37.71 20.02 8.75
C LEU A 189 -37.60 18.90 9.78
N PRO A 190 -38.25 19.07 10.93
CA PRO A 190 -38.37 17.96 11.88
C PRO A 190 -39.16 16.81 11.28
N PRO A 191 -38.96 15.58 11.76
CA PRO A 191 -39.63 14.43 11.14
C PRO A 191 -41.16 14.51 11.16
N SER A 192 -41.75 15.16 12.16
CA SER A 192 -43.20 15.26 12.24
C SER A 192 -43.79 16.01 11.05
N ALA A 193 -43.01 16.87 10.39
CA ALA A 193 -43.48 17.64 9.26
C ALA A 193 -43.28 16.95 7.92
N PHE A 194 -42.60 15.81 7.88
CA PHE A 194 -42.29 15.16 6.60
C PHE A 194 -43.57 14.77 5.86
N ALA A 195 -44.46 14.04 6.53
CA ALA A 195 -45.69 13.60 5.88
C ALA A 195 -46.58 14.78 5.50
N GLY A 196 -46.71 15.76 6.40
CA GLY A 196 -47.53 16.92 6.10
C GLY A 196 -47.01 17.71 4.91
N ALA A 197 -45.69 17.94 4.86
CA ALA A 197 -45.11 18.70 3.77
C ALA A 197 -45.26 17.97 2.45
N CYS A 198 -44.99 16.66 2.43
CA CYS A 198 -45.03 15.90 1.18
C CYS A 198 -46.42 15.89 0.56
N GLY A 199 -47.46 15.74 1.38
CA GLY A 199 -48.81 15.77 0.85
C GLY A 199 -49.17 17.11 0.23
N SER A 200 -48.79 18.20 0.90
CA SER A 200 -49.08 19.54 0.37
C SER A 200 -48.36 19.80 -0.94
N ILE A 201 -47.11 19.35 -1.06
CA ILE A 201 -46.34 19.57 -2.28
C ILE A 201 -47.02 18.90 -3.46
N ARG A 202 -47.42 17.63 -3.28
CA ARG A 202 -48.12 16.93 -4.35
C ARG A 202 -49.45 17.60 -4.69
N ALA A 203 -50.11 18.18 -3.69
CA ALA A 203 -51.45 18.72 -3.87
C ALA A 203 -51.47 20.15 -4.40
N GLY A 204 -50.37 20.88 -4.30
CA GLY A 204 -50.39 22.26 -4.72
C GLY A 204 -49.15 22.82 -5.40
N ALA A 205 -48.11 22.01 -5.59
CA ALA A 205 -46.85 22.56 -6.10
C ALA A 205 -46.17 21.63 -7.11
N MET A 206 -46.91 20.77 -7.78
CA MET A 206 -46.30 19.91 -8.80
C MET A 206 -45.82 20.74 -9.98
N PRO A 207 -44.78 20.28 -10.69
CA PRO A 207 -44.29 21.01 -11.85
C PRO A 207 -45.24 20.91 -13.03
N ARG A 208 -45.04 21.78 -14.02
CA ARG A 208 -45.75 21.65 -15.28
C ARG A 208 -45.43 20.29 -15.90
N GLU A 209 -46.23 19.87 -16.87
CA GLU A 209 -46.03 18.53 -17.41
C GLU A 209 -44.84 18.45 -18.36
N GLY A 210 -43.69 18.98 -17.95
CA GLY A 210 -42.49 18.88 -18.76
C GLY A 210 -41.24 18.76 -17.91
N GLY A 211 -41.40 18.86 -16.60
CA GLY A 211 -40.25 18.93 -15.71
C GLY A 211 -40.45 18.04 -14.49
N TRP A 212 -39.33 17.50 -14.01
CA TRP A 212 -39.41 16.54 -12.93
C TRP A 212 -39.61 17.23 -11.59
N ILE A 213 -39.83 16.41 -10.56
CA ILE A 213 -39.86 16.85 -9.17
C ILE A 213 -39.09 15.84 -8.34
N ARG A 214 -38.24 16.32 -7.44
CA ARG A 214 -37.52 15.47 -6.52
C ARG A 214 -37.61 16.07 -5.13
N VAL A 215 -37.77 15.20 -4.13
CA VAL A 215 -37.92 15.61 -2.74
C VAL A 215 -36.77 15.01 -1.94
N ILE A 216 -36.04 15.86 -1.24
CA ILE A 216 -34.93 15.43 -0.40
C ILE A 216 -35.41 15.42 1.04
N ILE A 217 -35.23 14.27 1.71
CA ILE A 217 -35.66 14.09 3.09
C ILE A 217 -34.42 13.82 3.94
N GLU A 218 -34.47 14.30 5.17
CA GLU A 218 -33.34 14.24 6.09
C GLU A 218 -33.62 13.28 7.23
N LYS A 219 -32.57 12.96 7.99
CA LYS A 219 -32.71 12.13 9.16
C LYS A 219 -33.48 12.88 10.25
N PRO A 220 -34.10 12.16 11.20
CA PRO A 220 -34.23 10.70 11.30
C PRO A 220 -35.46 10.18 10.55
N PHE A 221 -35.37 8.96 10.01
CA PHE A 221 -36.51 8.30 9.39
C PHE A 221 -37.06 7.27 10.38
N GLY A 222 -37.87 7.75 11.30
CA GLY A 222 -38.40 6.91 12.36
C GLY A 222 -37.35 6.68 13.44
N HIS A 223 -37.72 5.81 14.39
CA HIS A 223 -36.82 5.43 15.46
C HIS A 223 -36.76 3.92 15.70
N ASP A 224 -37.47 3.14 14.90
CA ASP A 224 -37.37 1.67 14.90
C ASP A 224 -38.03 1.18 13.61
N THR A 225 -38.21 -0.14 13.50
CA THR A 225 -38.78 -0.70 12.28
C THR A 225 -40.21 -0.23 12.07
N GLU A 226 -41.03 -0.24 13.14
CA GLU A 226 -42.44 0.11 12.99
C GLU A 226 -42.61 1.56 12.57
N SER A 227 -41.97 2.48 13.31
CA SER A 227 -42.14 3.91 13.03
C SER A 227 -41.58 4.29 11.66
N SER A 228 -40.44 3.72 11.28
CA SER A 228 -39.86 4.03 9.99
C SER A 228 -40.76 3.57 8.84
N ALA A 229 -41.40 2.41 9.01
CA ALA A 229 -42.25 1.90 7.94
C ALA A 229 -43.50 2.74 7.75
N GLU A 230 -44.04 3.32 8.84
CA GLU A 230 -45.21 4.16 8.72
C GLU A 230 -44.89 5.49 8.03
N LEU A 231 -43.69 6.02 8.27
CA LEU A 231 -43.28 7.25 7.58
C LEU A 231 -43.16 7.02 6.09
N SER A 232 -42.57 5.88 5.69
CA SER A 232 -42.53 5.53 4.27
C SER A 232 -43.91 5.22 3.74
N LYS A 233 -44.77 4.62 4.56
CA LYS A 233 -46.14 4.35 4.14
C LYS A 233 -46.90 5.63 3.89
N ALA A 234 -46.69 6.65 4.75
CA ALA A 234 -47.40 7.91 4.59
C ALA A 234 -46.96 8.67 3.35
N ILE A 235 -45.70 8.54 2.96
CA ILE A 235 -45.17 9.28 1.82
C ILE A 235 -45.42 8.57 0.49
N GLU A 236 -45.63 7.25 0.51
CA GLU A 236 -45.89 6.50 -0.73
C GLU A 236 -47.02 7.06 -1.57
N PRO A 237 -48.17 7.49 -1.02
CA PRO A 237 -49.22 8.05 -1.90
C PRO A 237 -48.78 9.26 -2.69
N PHE A 238 -47.86 10.07 -2.16
CA PHE A 238 -47.52 11.34 -2.77
C PHE A 238 -46.39 11.24 -3.80
N PHE A 239 -45.35 10.46 -3.50
CA PHE A 239 -44.23 10.29 -4.43
C PHE A 239 -43.71 8.86 -4.35
N ASP A 240 -43.09 8.41 -5.43
CA ASP A 240 -42.48 7.10 -5.48
C ASP A 240 -40.98 7.22 -5.23
N GLU A 241 -40.29 6.07 -5.28
CA GLU A 241 -38.87 6.01 -4.90
C GLU A 241 -37.98 6.81 -5.84
N SER A 242 -38.34 6.91 -7.12
CA SER A 242 -37.51 7.67 -8.05
C SER A 242 -37.58 9.17 -7.80
N GLN A 243 -38.53 9.64 -6.98
CA GLN A 243 -38.67 11.05 -6.66
C GLN A 243 -38.27 11.37 -5.22
N ILE A 244 -37.98 10.37 -4.40
CA ILE A 244 -37.59 10.57 -3.00
C ILE A 244 -36.09 10.36 -2.88
N TYR A 245 -35.42 11.29 -2.22
CA TYR A 245 -33.97 11.26 -2.03
C TYR A 245 -33.70 11.36 -0.54
N ARG A 246 -33.59 10.21 0.13
CA ARG A 246 -33.32 10.19 1.56
C ARG A 246 -31.82 10.36 1.80
N ILE A 247 -31.45 11.34 2.62
CA ILE A 247 -30.06 11.69 2.82
C ILE A 247 -29.46 11.05 4.05
N ASP A 248 -28.41 10.24 3.83
CA ASP A 248 -27.47 9.87 4.87
C ASP A 248 -26.17 10.59 4.50
N HIS A 249 -25.83 11.64 5.23
CA HIS A 249 -24.78 12.54 4.74
C HIS A 249 -23.40 11.89 4.71
N TYR A 250 -23.21 10.76 5.40
CA TYR A 250 -21.96 10.01 5.25
C TYR A 250 -21.77 9.48 3.84
N LEU A 251 -22.86 9.21 3.12
CA LEU A 251 -22.76 8.78 1.72
C LEU A 251 -22.23 9.88 0.81
N GLY A 252 -22.16 11.13 1.28
CA GLY A 252 -21.54 12.20 0.54
C GLY A 252 -20.06 12.41 0.78
N LYS A 253 -19.46 11.67 1.71
CA LYS A 253 -18.03 11.83 2.00
C LYS A 253 -17.17 11.16 0.94
N GLU A 254 -16.01 11.74 0.67
CA GLU A 254 -15.13 11.20 -0.41
C GLU A 254 -14.66 9.79 -0.07
N MET A 255 -14.25 9.56 1.17
CA MET A 255 -13.70 8.23 1.54
C MET A 255 -14.79 7.17 1.49
N VAL A 256 -16.01 7.52 1.88
CA VAL A 256 -17.11 6.56 1.80
C VAL A 256 -17.41 6.23 0.34
N GLN A 257 -17.44 7.25 -0.52
CA GLN A 257 -17.71 7.03 -1.93
C GLN A 257 -16.59 6.25 -2.61
N ASN A 258 -15.37 6.33 -2.06
CA ASN A 258 -14.23 5.65 -2.65
C ASN A 258 -14.17 4.18 -2.29
N ILE A 259 -15.03 3.70 -1.37
CA ILE A 259 -15.01 2.29 -0.99
C ILE A 259 -15.31 1.40 -2.18
N ILE A 260 -16.34 1.76 -2.97
CA ILE A 260 -16.74 0.95 -4.12
C ILE A 260 -15.59 0.85 -5.11
N THR A 261 -14.95 1.98 -5.43
CA THR A 261 -13.88 1.99 -6.41
C THR A 261 -12.65 1.22 -5.89
N THR A 262 -12.33 1.41 -4.60
CA THR A 262 -11.22 0.68 -4.00
C THR A 262 -11.45 -0.83 -4.10
N ARG A 263 -12.66 -1.28 -3.78
CA ARG A 263 -12.93 -2.70 -3.70
C ARG A 263 -13.02 -3.34 -5.08
N PHE A 264 -13.65 -2.67 -6.04
CA PHE A 264 -14.10 -3.33 -7.26
C PHE A 264 -13.39 -2.87 -8.52
N ALA A 265 -12.51 -1.89 -8.43
CA ALA A 265 -11.69 -1.52 -9.58
C ALA A 265 -10.30 -2.13 -9.52
N ASN A 266 -9.95 -2.81 -8.43
CA ASN A 266 -8.58 -3.25 -8.17
C ASN A 266 -8.54 -4.75 -7.91
N ARG A 267 -7.74 -5.48 -8.68
CA ARG A 267 -7.58 -6.91 -8.40
C ARG A 267 -6.96 -7.14 -7.03
N ILE A 268 -6.11 -6.22 -6.56
CA ILE A 268 -5.44 -6.41 -5.28
C ILE A 268 -6.45 -6.53 -4.14
N PHE A 269 -7.42 -5.62 -4.11
CA PHE A 269 -8.40 -5.67 -3.03
C PHE A 269 -9.50 -6.68 -3.31
N SER A 270 -9.84 -6.87 -4.59
CA SER A 270 -10.90 -7.80 -4.95
C SER A 270 -10.57 -9.22 -4.50
N ALA A 271 -9.34 -9.67 -4.77
CA ALA A 271 -8.96 -11.04 -4.44
C ALA A 271 -8.83 -11.28 -2.94
N LEU A 272 -8.65 -10.21 -2.15
CA LEU A 272 -8.42 -10.35 -0.72
C LEU A 272 -9.67 -10.21 0.13
N TRP A 273 -10.79 -9.76 -0.46
CA TRP A 273 -11.89 -9.20 0.32
C TRP A 273 -12.92 -10.28 0.65
N ASN A 274 -12.50 -11.24 1.49
CA ASN A 274 -13.38 -12.33 1.88
C ASN A 274 -12.84 -12.98 3.16
N SER A 275 -13.58 -13.97 3.66
CA SER A 275 -13.25 -14.62 4.92
C SER A 275 -12.02 -15.51 4.84
N ASN A 276 -11.55 -15.87 3.64
CA ASN A 276 -10.32 -16.65 3.54
C ASN A 276 -9.11 -15.85 4.02
N ASN A 277 -9.18 -14.53 3.94
CA ASN A 277 -8.05 -13.68 4.23
C ASN A 277 -8.29 -12.66 5.32
N ILE A 278 -9.56 -12.35 5.64
CA ILE A 278 -9.90 -11.32 6.61
C ILE A 278 -10.30 -12.01 7.91
N ALA A 279 -9.72 -11.55 9.02
CA ALA A 279 -10.04 -12.10 10.33
C ALA A 279 -11.19 -11.36 11.00
N CYS A 280 -11.24 -10.03 10.88
CA CYS A 280 -12.28 -9.25 11.54
C CYS A 280 -12.29 -7.84 10.96
N VAL A 281 -13.44 -7.19 11.11
CA VAL A 281 -13.65 -5.85 10.56
C VAL A 281 -14.23 -4.97 11.66
N GLN A 282 -13.68 -3.77 11.79
CA GLN A 282 -14.19 -2.80 12.75
C GLN A 282 -14.43 -1.47 12.05
N ILE A 283 -15.57 -0.84 12.35
CA ILE A 283 -15.93 0.46 11.84
C ILE A 283 -16.20 1.36 13.04
N THR A 284 -15.48 2.48 13.12
CA THR A 284 -15.39 3.27 14.34
C THR A 284 -15.82 4.70 14.14
N PHE A 285 -16.61 5.22 15.10
CA PHE A 285 -16.95 6.63 15.20
C PHE A 285 -16.56 7.11 16.59
N LYS A 286 -15.68 8.11 16.66
CA LYS A 286 -15.22 8.65 17.93
C LYS A 286 -15.33 10.17 17.93
N GLU A 287 -15.77 10.73 19.04
CA GLU A 287 -15.85 12.17 19.23
C GLU A 287 -15.33 12.54 20.61
N THR A 288 -14.61 13.67 20.68
CA THR A 288 -14.15 14.16 21.98
C THR A 288 -15.25 14.88 22.75
N ILE A 289 -16.13 15.59 22.03
CA ILE A 289 -17.18 16.37 22.69
C ILE A 289 -18.29 15.46 23.19
N GLY A 290 -19.12 16.00 24.07
CA GLY A 290 -20.30 15.36 24.59
C GLY A 290 -21.56 15.88 23.93
N THR A 291 -22.65 15.94 24.71
CA THR A 291 -23.89 16.51 24.20
C THR A 291 -23.86 18.03 24.15
N GLU A 292 -22.97 18.65 24.92
CA GLU A 292 -22.78 20.10 24.89
C GLU A 292 -24.06 20.87 25.18
N GLY A 293 -24.78 20.43 26.22
CA GLY A 293 -25.97 21.11 26.70
C GLY A 293 -27.26 20.68 26.04
N ARG A 294 -27.18 20.01 24.90
CA ARG A 294 -28.33 19.53 24.13
C ARG A 294 -28.64 18.08 24.45
N GLY A 295 -28.49 17.69 25.71
CA GLY A 295 -28.70 16.29 26.08
C GLY A 295 -30.14 15.84 26.02
N GLY A 296 -31.08 16.77 26.22
CA GLY A 296 -32.49 16.40 26.16
C GLY A 296 -32.91 15.93 24.79
N TYR A 297 -32.38 16.58 23.74
CA TYR A 297 -32.66 16.13 22.39
C TYR A 297 -31.95 14.81 22.09
N PHE A 298 -30.74 14.64 22.62
CA PHE A 298 -30.00 13.41 22.41
C PHE A 298 -30.60 12.24 23.20
N ASP A 299 -31.17 12.53 24.38
CA ASP A 299 -31.59 11.46 25.28
C ASP A 299 -32.63 10.55 24.64
N SER A 300 -33.46 11.09 23.76
CA SER A 300 -34.46 10.31 23.05
C SER A 300 -33.89 9.57 21.84
N ILE A 301 -32.65 9.84 21.46
CA ILE A 301 -32.07 9.26 20.26
C ILE A 301 -31.15 8.11 20.64
N GLY A 302 -30.11 8.42 21.41
CA GLY A 302 -29.11 7.44 21.76
C GLY A 302 -28.06 7.28 20.66
N ILE A 303 -26.91 6.74 21.06
CA ILE A 303 -25.77 6.67 20.13
C ILE A 303 -26.06 5.70 18.99
N ILE A 304 -26.85 4.66 19.25
CA ILE A 304 -27.13 3.68 18.20
C ILE A 304 -27.96 4.31 17.09
N ARG A 305 -29.05 4.99 17.46
CA ARG A 305 -29.88 5.66 16.45
C ARG A 305 -29.13 6.84 15.83
N ASP A 306 -28.26 7.49 16.60
CA ASP A 306 -27.64 8.73 16.08
C ASP A 306 -26.60 8.48 14.98
N VAL A 307 -25.77 7.44 15.10
CA VAL A 307 -24.66 7.28 14.11
C VAL A 307 -24.50 5.83 13.65
N MET A 308 -24.96 4.87 14.43
CA MET A 308 -24.68 3.46 14.09
C MET A 308 -25.73 2.89 13.14
N GLN A 309 -27.02 3.05 13.45
CA GLN A 309 -28.04 2.45 12.61
C GLN A 309 -27.96 2.97 11.18
N ASN A 310 -27.50 4.22 10.99
CA ASN A 310 -27.49 4.82 9.67
C ASN A 310 -26.08 5.01 9.12
N HIS A 311 -25.22 5.77 9.78
CA HIS A 311 -23.94 6.11 9.18
C HIS A 311 -23.01 4.90 9.09
N LEU A 312 -22.79 4.22 10.20
CA LEU A 312 -21.88 3.08 10.19
C LEU A 312 -22.45 1.93 9.37
N THR A 313 -23.77 1.72 9.43
CA THR A 313 -24.39 0.66 8.66
C THR A 313 -24.25 0.93 7.16
N GLN A 314 -24.33 2.20 6.74
CA GLN A 314 -24.07 2.53 5.35
C GLN A 314 -22.64 2.19 4.97
N ILE A 315 -21.68 2.52 5.84
CA ILE A 315 -20.29 2.13 5.61
C ILE A 315 -20.18 0.61 5.57
N LEU A 316 -20.87 -0.07 6.49
CA LEU A 316 -20.87 -1.53 6.52
C LEU A 316 -21.38 -2.11 5.21
N ALA A 317 -22.47 -1.55 4.68
CA ALA A 317 -23.06 -2.08 3.46
C ALA A 317 -22.10 -1.97 2.29
N LEU A 318 -21.45 -0.82 2.12
CA LEU A 318 -20.50 -0.65 1.03
C LEU A 318 -19.26 -1.52 1.22
N LEU A 319 -18.82 -1.70 2.47
CA LEU A 319 -17.64 -2.52 2.73
C LEU A 319 -17.87 -3.98 2.42
N ALA A 320 -19.08 -4.48 2.68
CA ALA A 320 -19.34 -5.91 2.71
C ALA A 320 -20.18 -6.42 1.54
N MET A 321 -20.79 -5.54 0.76
CA MET A 321 -21.69 -5.98 -0.29
C MET A 321 -20.94 -6.74 -1.39
N GLU A 322 -21.70 -7.51 -2.17
CA GLU A 322 -21.15 -8.15 -3.34
C GLU A 322 -20.94 -7.14 -4.47
N LYS A 323 -20.23 -7.57 -5.50
CA LYS A 323 -19.94 -6.71 -6.63
C LYS A 323 -21.20 -6.48 -7.45
N PRO A 324 -21.58 -5.23 -7.70
CA PRO A 324 -22.72 -4.98 -8.60
C PRO A 324 -22.39 -5.37 -10.04
N ASN A 325 -23.42 -5.75 -10.78
CA ASN A 325 -23.20 -6.16 -12.18
C ASN A 325 -22.75 -4.99 -13.03
N SER A 326 -23.33 -3.80 -12.80
CA SER A 326 -22.90 -2.56 -13.43
C SER A 326 -22.82 -1.49 -12.37
N LEU A 327 -22.32 -0.32 -12.76
CA LEU A 327 -22.25 0.82 -11.87
C LEU A 327 -23.53 1.64 -11.88
N ASP A 328 -24.62 1.07 -12.38
CA ASP A 328 -25.93 1.73 -12.31
C ASP A 328 -26.36 1.89 -10.86
N ALA A 329 -27.07 2.99 -10.60
CA ALA A 329 -27.43 3.35 -9.23
C ALA A 329 -28.19 2.23 -8.53
N GLU A 330 -29.17 1.64 -9.23
CA GLU A 330 -30.05 0.67 -8.58
C GLU A 330 -29.36 -0.68 -8.40
N ARG A 331 -28.40 -1.02 -9.27
CA ARG A 331 -27.63 -2.24 -9.04
C ARG A 331 -26.81 -2.12 -7.76
N ILE A 332 -26.24 -0.94 -7.51
CA ILE A 332 -25.45 -0.72 -6.30
C ILE A 332 -26.35 -0.83 -5.07
N ARG A 333 -27.51 -0.17 -5.12
CA ARG A 333 -28.42 -0.20 -3.98
C ARG A 333 -29.02 -1.59 -3.77
N ASP A 334 -29.26 -2.33 -4.85
CA ASP A 334 -29.70 -3.72 -4.71
C ASP A 334 -28.72 -4.52 -3.87
N GLU A 335 -27.42 -4.32 -4.11
CA GLU A 335 -26.40 -5.06 -3.37
C GLU A 335 -26.32 -4.64 -1.91
N LYS A 336 -26.55 -3.35 -1.62
CA LYS A 336 -26.61 -2.94 -0.22
C LYS A 336 -27.74 -3.65 0.51
N VAL A 337 -28.94 -3.66 -0.10
CA VAL A 337 -30.08 -4.33 0.51
C VAL A 337 -29.80 -5.83 0.64
N SER A 338 -29.26 -6.43 -0.42
CA SER A 338 -28.99 -7.86 -0.41
C SER A 338 -27.99 -8.23 0.70
N LEU A 339 -27.00 -7.37 0.93
CA LEU A 339 -26.07 -7.64 2.02
C LEU A 339 -26.76 -7.54 3.38
N LEU A 340 -27.49 -6.45 3.61
CA LEU A 340 -28.08 -6.21 4.93
C LEU A 340 -29.07 -7.31 5.29
N LYS A 341 -29.67 -7.98 4.31
CA LYS A 341 -30.57 -9.09 4.60
C LYS A 341 -29.83 -10.30 5.16
N CYS A 342 -28.49 -10.33 5.05
CA CYS A 342 -27.69 -11.44 5.56
C CYS A 342 -27.29 -11.26 7.02
N ILE A 343 -27.72 -10.17 7.65
CA ILE A 343 -27.27 -9.84 9.01
C ILE A 343 -28.44 -10.12 9.95
N ALA A 344 -28.19 -10.97 10.94
CA ALA A 344 -29.21 -11.28 11.93
C ALA A 344 -29.35 -10.12 12.91
N PRO A 345 -30.52 -9.96 13.52
CA PRO A 345 -30.68 -8.88 14.50
C PRO A 345 -29.69 -9.02 15.65
N ILE A 346 -29.19 -7.89 16.12
CA ILE A 346 -28.18 -7.90 17.17
C ILE A 346 -28.83 -8.26 18.49
N GLY A 347 -28.34 -9.32 19.13
CA GLY A 347 -28.82 -9.67 20.44
C GLY A 347 -28.14 -8.85 21.52
N LYS A 348 -28.74 -8.87 22.71
CA LYS A 348 -28.17 -8.11 23.82
C LYS A 348 -26.85 -8.66 24.30
N ASP A 349 -26.47 -9.86 23.86
CA ASP A 349 -25.15 -10.43 24.16
C ASP A 349 -24.05 -9.91 23.24
N ASP A 350 -24.39 -9.18 22.19
CA ASP A 350 -23.43 -8.68 21.22
C ASP A 350 -23.16 -7.19 21.34
N CYS A 351 -23.32 -6.62 22.55
CA CYS A 351 -23.24 -5.18 22.70
C CYS A 351 -22.65 -4.82 24.05
N VAL A 352 -22.03 -3.64 24.10
CA VAL A 352 -21.55 -3.04 25.35
C VAL A 352 -21.87 -1.55 25.28
N LEU A 353 -22.63 -1.05 26.26
CA LEU A 353 -23.07 0.34 26.27
C LEU A 353 -22.33 1.13 27.33
N GLY A 354 -22.30 2.45 27.13
CA GLY A 354 -21.63 3.35 28.07
C GLY A 354 -22.33 4.69 28.16
N GLN A 355 -22.09 5.38 29.28
CA GLN A 355 -22.63 6.71 29.52
C GLN A 355 -21.55 7.55 30.17
N TYR A 356 -21.13 8.62 29.51
CA TYR A 356 -19.95 9.36 29.96
C TYR A 356 -20.27 10.21 31.18
N THR A 357 -19.31 10.24 32.12
CA THR A 357 -19.36 11.03 33.33
C THR A 357 -18.43 12.22 33.19
N ALA A 358 -18.27 12.99 34.27
CA ALA A 358 -17.41 14.16 34.23
C ALA A 358 -15.98 13.75 33.88
N SER A 359 -15.32 14.60 33.09
CA SER A 359 -13.98 14.28 32.60
C SER A 359 -12.92 14.34 33.69
N ALA A 360 -13.18 15.05 34.80
CA ALA A 360 -12.21 15.30 35.87
C ALA A 360 -11.10 16.23 35.43
N ASP A 361 -11.06 16.63 34.16
CA ASP A 361 -10.06 17.54 33.63
C ASP A 361 -10.48 19.00 33.71
N GLY A 362 -11.39 19.33 34.64
CA GLY A 362 -11.91 20.68 34.74
C GLY A 362 -12.76 21.12 33.56
N SER A 363 -13.20 20.20 32.73
CA SER A 363 -14.10 20.52 31.63
C SER A 363 -14.90 19.26 31.29
N ILE A 364 -15.71 19.36 30.23
CA ILE A 364 -16.60 18.29 29.78
C ILE A 364 -17.37 17.69 30.96
N PRO A 365 -18.43 18.35 31.42
CA PRO A 365 -19.20 17.80 32.55
C PRO A 365 -19.88 16.49 32.18
N GLY A 366 -20.41 15.82 33.19
CA GLY A 366 -21.02 14.53 32.99
C GLY A 366 -22.30 14.63 32.16
N TYR A 367 -22.69 13.48 31.60
CA TYR A 367 -23.90 13.45 30.79
C TYR A 367 -25.15 13.71 31.62
N LEU A 368 -25.24 13.09 32.81
CA LEU A 368 -26.38 13.31 33.69
C LEU A 368 -26.33 14.66 34.41
N GLU A 369 -25.23 15.40 34.29
CA GLU A 369 -25.12 16.74 34.85
C GLU A 369 -25.72 17.80 33.94
N ASP A 370 -26.62 17.39 33.04
CA ASP A 370 -27.29 18.28 32.11
C ASP A 370 -28.77 18.33 32.47
N GLU A 371 -29.31 19.55 32.62
CA GLU A 371 -30.67 19.71 33.13
C GLU A 371 -31.70 19.14 32.16
N THR A 372 -31.46 19.24 30.85
CA THR A 372 -32.41 18.73 29.87
C THR A 372 -32.50 17.21 29.87
N VAL A 373 -31.53 16.52 30.47
CA VAL A 373 -31.55 15.05 30.54
C VAL A 373 -32.45 14.59 31.68
N PRO A 374 -33.46 13.76 31.41
CA PRO A 374 -34.26 13.20 32.49
C PRO A 374 -33.43 12.36 33.45
N LYS A 375 -33.78 12.43 34.73
CA LYS A 375 -33.03 11.71 35.75
C LYS A 375 -33.28 10.20 35.64
N GLY A 376 -32.30 9.42 36.07
CA GLY A 376 -32.37 7.98 35.89
C GLY A 376 -32.34 7.54 34.45
N SER A 377 -31.70 8.32 33.58
CA SER A 377 -31.68 8.00 32.16
C SER A 377 -30.76 6.82 31.88
N THR A 378 -31.26 5.86 31.11
CA THR A 378 -30.47 4.73 30.65
C THR A 378 -29.98 4.92 29.20
N CYS A 379 -29.86 6.16 28.76
CA CYS A 379 -29.49 6.45 27.38
C CYS A 379 -27.99 6.27 27.19
N PRO A 380 -27.56 5.44 26.24
CA PRO A 380 -26.12 5.21 26.03
C PRO A 380 -25.51 6.29 25.13
N THR A 381 -24.38 6.84 25.59
CA THR A 381 -23.54 7.71 24.78
C THR A 381 -22.38 6.95 24.15
N PHE A 382 -22.29 5.64 24.39
CA PHE A 382 -21.21 4.80 23.89
C PHE A 382 -21.81 3.44 23.55
N ALA A 383 -21.35 2.85 22.46
CA ALA A 383 -21.81 1.51 22.09
C ALA A 383 -20.80 0.85 21.17
N VAL A 384 -20.62 -0.46 21.42
CA VAL A 384 -19.78 -1.33 20.57
C VAL A 384 -20.69 -2.52 20.29
N LEU A 385 -20.96 -2.83 19.02
CA LEU A 385 -21.87 -3.90 18.63
C LEU A 385 -21.15 -4.91 17.74
N ARG A 386 -21.48 -6.19 17.90
CA ARG A 386 -20.96 -7.26 17.08
C ARG A 386 -22.04 -7.77 16.13
N LEU A 387 -21.74 -7.80 14.84
CA LEU A 387 -22.68 -8.23 13.82
C LEU A 387 -22.18 -9.49 13.14
N HIS A 388 -23.12 -10.36 12.76
CA HIS A 388 -22.84 -11.60 12.06
C HIS A 388 -23.42 -11.50 10.65
N ILE A 389 -22.57 -11.63 9.64
CA ILE A 389 -23.01 -11.59 8.25
C ILE A 389 -23.06 -13.01 7.73
N ASN A 390 -24.28 -13.53 7.55
CA ASN A 390 -24.47 -14.92 7.16
C ASN A 390 -24.51 -15.02 5.63
N ASN A 391 -23.33 -15.08 5.04
CA ASN A 391 -23.19 -15.45 3.63
C ASN A 391 -21.79 -15.99 3.41
N ASP A 392 -21.52 -16.38 2.17
CA ASP A 392 -20.30 -17.13 1.88
C ASP A 392 -19.05 -16.27 1.95
N ARG A 393 -19.19 -14.97 1.72
CA ARG A 393 -18.04 -14.08 1.77
C ARG A 393 -17.60 -13.79 3.19
N TRP A 394 -18.54 -13.70 4.14
CA TRP A 394 -18.24 -13.20 5.47
C TRP A 394 -18.53 -14.16 6.61
N ALA A 395 -18.96 -15.39 6.32
CA ALA A 395 -19.35 -16.30 7.40
C ALA A 395 -18.19 -16.51 8.37
N GLY A 396 -18.45 -16.23 9.64
CA GLY A 396 -17.45 -16.37 10.69
C GLY A 396 -16.62 -15.13 10.95
N VAL A 397 -16.70 -14.12 10.10
CA VAL A 397 -15.92 -12.89 10.28
C VAL A 397 -16.66 -11.96 11.23
N PRO A 398 -16.07 -11.62 12.38
CA PRO A 398 -16.72 -10.65 13.28
C PRO A 398 -16.69 -9.26 12.68
N PHE A 399 -17.83 -8.57 12.74
CA PHE A 399 -17.93 -7.17 12.38
C PHE A 399 -18.28 -6.39 13.63
N ILE A 400 -17.44 -5.41 13.97
CA ILE A 400 -17.64 -4.60 15.16
C ILE A 400 -17.95 -3.17 14.75
N LEU A 401 -19.07 -2.66 15.22
CA LEU A 401 -19.41 -1.25 15.07
C LEU A 401 -19.16 -0.56 16.40
N LYS A 402 -18.31 0.46 16.41
CA LYS A 402 -17.99 1.20 17.61
C LYS A 402 -18.35 2.67 17.42
N ALA A 403 -19.06 3.23 18.39
CA ALA A 403 -19.40 4.65 18.39
C ALA A 403 -19.41 5.13 19.83
N GLY A 404 -18.92 6.35 20.03
CA GLY A 404 -18.89 6.91 21.36
C GLY A 404 -18.65 8.41 21.37
N LYS A 405 -19.42 9.12 22.19
CA LYS A 405 -19.21 10.53 22.43
C LYS A 405 -18.39 10.71 23.71
N ALA A 406 -17.65 11.81 23.76
CA ALA A 406 -16.80 12.16 24.90
C ALA A 406 -15.77 11.06 25.16
N VAL A 407 -14.98 10.76 24.13
CA VAL A 407 -13.91 9.75 24.21
C VAL A 407 -12.59 10.43 23.89
N GLU A 408 -11.52 9.64 23.81
CA GLU A 408 -10.17 10.19 23.82
C GLU A 408 -9.82 10.99 22.57
N GLN A 409 -10.49 10.76 21.45
CA GLN A 409 -10.10 11.46 20.22
C GLN A 409 -11.27 11.50 19.24
N LYS A 410 -11.15 12.40 18.27
CA LYS A 410 -12.12 12.55 17.19
C LYS A 410 -11.63 11.73 16.00
N TYR A 411 -12.44 10.78 15.56
CA TYR A 411 -11.93 9.70 14.72
C TYR A 411 -13.07 8.94 14.05
N VAL A 412 -13.01 8.81 12.73
CA VAL A 412 -13.88 7.90 11.98
C VAL A 412 -13.01 7.09 11.03
N ALA A 413 -13.00 5.78 11.20
CA ALA A 413 -12.14 4.96 10.36
C ALA A 413 -12.68 3.55 10.24
N ILE A 414 -12.21 2.88 9.19
CA ILE A 414 -12.44 1.45 8.96
C ILE A 414 -11.12 0.73 9.18
N ARG A 415 -11.15 -0.34 9.95
CA ARG A 415 -9.95 -1.16 10.21
C ARG A 415 -10.27 -2.60 9.85
N ILE A 416 -9.58 -3.12 8.84
CA ILE A 416 -9.75 -4.50 8.41
C ILE A 416 -8.49 -5.26 8.80
N GLN A 417 -8.65 -6.25 9.68
CA GLN A 417 -7.56 -7.09 10.12
C GLN A 417 -7.55 -8.36 9.28
N PHE A 418 -6.42 -8.63 8.64
CA PHE A 418 -6.23 -9.86 7.91
C PHE A 418 -5.70 -10.95 8.84
N LYS A 419 -5.86 -12.20 8.39
CA LYS A 419 -5.38 -13.34 9.16
C LYS A 419 -3.86 -13.37 9.17
N ASP A 420 -3.32 -14.02 10.21
CA ASP A 420 -1.88 -14.22 10.26
C ASP A 420 -1.41 -15.09 9.12
N GLU A 421 -0.24 -14.75 8.57
CA GLU A 421 0.52 -15.72 7.78
C GLU A 421 1.36 -16.50 8.79
N ILE A 422 0.89 -17.70 9.14
CA ILE A 422 1.46 -18.43 10.27
C ILE A 422 2.90 -18.86 10.00
N ARG A 423 3.15 -19.44 8.82
CA ARG A 423 4.50 -19.88 8.51
C ARG A 423 5.03 -19.10 7.30
N PRO A 424 6.34 -18.89 7.22
CA PRO A 424 7.42 -19.36 8.11
C PRO A 424 7.82 -18.40 9.24
N TYR A 425 7.17 -17.25 9.40
CA TYR A 425 7.65 -16.25 10.34
C TYR A 425 7.05 -16.38 11.73
N GLY A 426 5.85 -16.94 11.86
CA GLY A 426 5.27 -17.14 13.17
C GLY A 426 5.14 -15.83 13.94
N ASP A 427 5.69 -15.82 15.17
CA ASP A 427 5.67 -14.67 16.05
C ASP A 427 6.47 -13.49 15.52
N ALA A 428 7.32 -13.69 14.51
CA ALA A 428 8.06 -12.58 13.94
C ALA A 428 7.24 -11.74 12.98
N ALA A 429 5.98 -12.12 12.78
CA ALA A 429 5.10 -11.35 11.88
C ALA A 429 3.82 -10.97 12.62
N GLN A 430 3.18 -9.89 12.16
CA GLN A 430 1.91 -9.45 12.78
C GLN A 430 0.82 -9.46 11.70
N ARG A 431 -0.44 -9.49 12.11
CA ARG A 431 -1.57 -9.49 11.15
C ARG A 431 -1.56 -8.20 10.34
N ASN A 432 -1.64 -8.30 9.02
CA ASN A 432 -1.78 -7.13 8.19
C ASN A 432 -3.09 -6.41 8.49
N GLU A 433 -3.13 -5.12 8.22
CA GLU A 433 -4.33 -4.33 8.40
C GLU A 433 -4.49 -3.39 7.22
N LEU A 434 -5.73 -3.20 6.79
CA LEU A 434 -6.10 -2.13 5.88
C LEU A 434 -6.90 -1.11 6.67
N VAL A 435 -6.47 0.14 6.66
CA VAL A 435 -7.12 1.20 7.40
C VAL A 435 -7.60 2.25 6.40
N ILE A 436 -8.86 2.63 6.52
CA ILE A 436 -9.46 3.71 5.75
C ILE A 436 -10.02 4.70 6.76
N ARG A 437 -9.42 5.89 6.84
CA ARG A 437 -9.80 6.90 7.81
C ARG A 437 -10.52 8.06 7.13
N ALA A 438 -11.64 8.48 7.70
CA ALA A 438 -12.41 9.61 7.20
C ALA A 438 -12.16 10.89 7.99
N GLN A 439 -12.16 10.81 9.32
CA GLN A 439 -11.90 11.94 10.20
C GLN A 439 -10.83 11.58 11.21
N PRO A 440 -9.99 12.56 11.62
CA PRO A 440 -9.99 13.96 11.20
C PRO A 440 -9.36 14.16 9.82
N SER A 441 -8.38 13.35 9.46
CA SER A 441 -7.65 13.48 8.20
C SER A 441 -7.87 12.23 7.36
N GLU A 442 -8.23 12.44 6.09
CA GLU A 442 -8.42 11.31 5.19
C GLU A 442 -7.12 10.56 4.96
N ALA A 443 -7.20 9.23 4.99
CA ALA A 443 -6.03 8.40 4.79
C ALA A 443 -6.45 6.98 4.47
N MET A 444 -5.62 6.31 3.68
CA MET A 444 -5.73 4.87 3.46
C MET A 444 -4.33 4.30 3.50
N TYR A 445 -4.11 3.29 4.35
CA TYR A 445 -2.79 2.69 4.43
C TYR A 445 -2.89 1.20 4.75
N MET A 446 -1.88 0.46 4.34
CA MET A 446 -1.75 -0.96 4.61
C MET A 446 -0.61 -1.19 5.60
N LYS A 447 -0.89 -1.94 6.66
CA LYS A 447 0.12 -2.31 7.64
C LYS A 447 0.66 -3.68 7.29
N ILE A 448 1.98 -3.78 7.09
CA ILE A 448 2.61 -5.02 6.65
C ILE A 448 3.88 -5.26 7.47
N THR A 449 4.38 -6.49 7.38
CA THR A 449 5.62 -6.88 8.02
C THR A 449 6.75 -6.87 6.99
N THR A 450 7.82 -6.16 7.32
CA THR A 450 8.98 -6.02 6.45
C THR A 450 10.25 -6.29 7.26
N LYS A 451 11.31 -6.69 6.56
CA LYS A 451 12.59 -6.97 7.24
C LYS A 451 13.11 -5.69 7.89
N MET A 452 13.71 -5.84 9.06
CA MET A 452 14.28 -4.71 9.77
C MET A 452 15.36 -4.06 8.90
N PRO A 453 15.33 -2.73 8.67
CA PRO A 453 16.33 -2.13 7.79
C PRO A 453 17.72 -2.31 8.39
N GLY A 454 18.72 -2.45 7.54
CA GLY A 454 20.11 -2.52 8.03
C GLY A 454 20.57 -3.95 8.23
N LEU A 455 21.79 -4.11 8.74
CA LEU A 455 22.36 -5.47 8.92
C LEU A 455 21.61 -6.16 10.05
N ASN A 456 20.89 -7.23 9.73
CA ASN A 456 20.15 -8.00 10.77
C ASN A 456 20.89 -9.32 10.99
N GLU A 457 20.57 -10.01 12.07
CA GLU A 457 21.20 -11.33 12.35
C GLU A 457 20.42 -12.42 11.62
N ASP A 458 19.09 -12.28 11.56
CA ASP A 458 18.24 -13.29 10.91
C ASP A 458 17.08 -12.61 10.19
N LEU A 459 16.35 -13.36 9.38
CA LEU A 459 15.17 -12.79 8.68
C LEU A 459 14.07 -12.56 9.71
N ARG A 460 14.19 -13.19 10.89
CA ARG A 460 13.16 -13.04 11.94
C ARG A 460 13.24 -11.64 12.55
N GLU A 461 14.30 -10.88 12.24
CA GLU A 461 14.35 -9.50 12.71
C GLU A 461 13.50 -8.67 11.75
N THR A 462 12.25 -8.47 12.12
CA THR A 462 11.27 -7.79 11.28
C THR A 462 10.80 -6.51 11.97
N HIS A 463 10.11 -5.68 11.20
CA HIS A 463 9.42 -4.54 11.77
C HIS A 463 8.16 -4.28 10.95
N GLN A 464 7.21 -3.62 11.59
CA GLN A 464 5.92 -3.32 10.92
C GLN A 464 6.02 -1.95 10.24
N THR A 465 5.67 -1.88 8.97
CA THR A 465 5.72 -0.61 8.22
C THR A 465 4.35 -0.39 7.58
N GLU A 466 4.25 0.58 6.71
CA GLU A 466 2.99 0.99 6.14
C GLU A 466 3.17 1.32 4.67
N LEU A 467 2.14 1.02 3.87
CA LEU A 467 2.02 1.50 2.50
C LEU A 467 0.88 2.50 2.50
N ASP A 468 1.22 3.78 2.43
CA ASP A 468 0.27 4.87 2.61
C ASP A 468 -0.13 5.47 1.27
N LEU A 469 -1.43 5.73 1.10
CA LEU A 469 -1.91 6.38 -0.10
C LEU A 469 -1.40 7.81 -0.14
N THR A 470 -0.91 8.22 -1.31
CA THR A 470 -0.30 9.54 -1.46
C THR A 470 -1.17 10.49 -2.27
N ASP A 481 -17.51 19.29 0.62
CA ASP A 481 -18.43 18.98 1.70
C ASP A 481 -19.50 17.99 1.23
N ALA A 482 -20.01 17.18 2.17
CA ALA A 482 -20.86 16.05 1.80
C ALA A 482 -22.19 16.52 1.23
N TYR A 483 -22.77 17.57 1.80
CA TYR A 483 -24.07 18.03 1.31
C TYR A 483 -23.95 18.62 -0.09
N GLU A 484 -22.80 19.21 -0.41
CA GLU A 484 -22.59 19.69 -1.77
C GLU A 484 -22.64 18.54 -2.77
N SER A 485 -21.97 17.43 -2.45
CA SER A 485 -21.97 16.28 -3.35
C SER A 485 -23.36 15.68 -3.49
N LEU A 486 -24.09 15.56 -2.39
CA LEU A 486 -25.42 14.96 -2.43
C LEU A 486 -26.42 15.83 -3.19
N ILE A 487 -26.39 17.16 -2.98
CA ILE A 487 -27.34 18.02 -3.67
C ILE A 487 -27.08 17.99 -5.17
N SER A 488 -25.81 18.01 -5.57
CA SER A 488 -25.46 17.90 -6.98
C SER A 488 -25.95 16.60 -7.57
N ASP A 489 -25.84 15.50 -6.81
CA ASP A 489 -26.37 14.22 -7.26
C ASP A 489 -27.87 14.26 -7.44
N ALA A 490 -28.58 14.86 -6.48
CA ALA A 490 -30.04 14.97 -6.61
C ALA A 490 -30.43 15.78 -7.83
N LEU A 491 -29.67 16.86 -8.12
CA LEU A 491 -29.98 17.71 -9.27
C LEU A 491 -29.84 16.94 -10.59
N ARG A 492 -28.89 16.02 -10.66
CA ARG A 492 -28.68 15.20 -11.84
C ARG A 492 -29.53 13.93 -11.85
N GLY A 493 -30.29 13.67 -10.79
CA GLY A 493 -31.10 12.48 -10.74
C GLY A 493 -30.36 11.19 -10.43
N ASN A 494 -29.21 11.28 -9.76
CA ASN A 494 -28.40 10.12 -9.43
C ASN A 494 -28.69 9.72 -7.99
N SER A 495 -29.36 8.58 -7.81
CA SER A 495 -29.78 8.11 -6.50
C SER A 495 -28.79 7.13 -5.86
N THR A 496 -27.58 7.00 -6.41
CA THR A 496 -26.62 6.03 -5.89
C THR A 496 -26.35 6.25 -4.41
N ASN A 497 -26.13 7.50 -4.00
CA ASN A 497 -25.73 7.84 -2.64
C ASN A 497 -26.92 8.27 -1.78
N PHE A 498 -28.09 7.70 -2.02
CA PHE A 498 -29.30 8.00 -1.24
C PHE A 498 -29.94 6.70 -0.80
N VAL A 499 -30.57 6.73 0.38
CA VAL A 499 -31.09 5.53 1.01
C VAL A 499 -32.42 5.16 0.37
N ARG A 500 -32.49 3.95 -0.20
CA ARG A 500 -33.71 3.47 -0.80
C ARG A 500 -34.65 2.92 0.27
N LYS A 501 -35.93 2.80 -0.10
CA LYS A 501 -36.97 2.46 0.88
C LYS A 501 -36.73 1.10 1.53
N ASP A 502 -36.40 0.08 0.73
CA ASP A 502 -36.16 -1.24 1.31
C ASP A 502 -34.86 -1.27 2.11
N GLU A 503 -33.84 -0.54 1.64
CA GLU A 503 -32.59 -0.42 2.39
C GLU A 503 -32.84 0.13 3.79
N LEU A 504 -33.75 1.10 3.91
CA LEU A 504 -34.05 1.69 5.21
C LEU A 504 -34.70 0.67 6.14
N ASP A 505 -35.60 -0.16 5.63
CA ASP A 505 -36.32 -1.10 6.48
C ASP A 505 -35.42 -2.24 6.94
N VAL A 506 -34.59 -2.79 6.04
CA VAL A 506 -33.72 -3.89 6.43
C VAL A 506 -32.72 -3.44 7.50
N ALA A 507 -32.18 -2.22 7.35
CA ALA A 507 -31.25 -1.70 8.34
C ALA A 507 -31.91 -1.56 9.72
N TRP A 508 -33.16 -1.09 9.75
CA TRP A 508 -33.84 -0.94 11.04
C TRP A 508 -34.05 -2.29 11.71
N ARG A 509 -34.36 -3.33 10.93
CA ARG A 509 -34.64 -4.64 11.51
C ARG A 509 -33.41 -5.24 12.20
N ILE A 510 -32.21 -4.82 11.82
CA ILE A 510 -30.99 -5.30 12.47
C ILE A 510 -30.92 -4.78 13.91
N PHE A 511 -31.26 -3.51 14.12
CA PHE A 511 -31.05 -2.84 15.40
C PHE A 511 -32.30 -2.77 16.27
N THR A 512 -33.49 -2.95 15.70
CA THR A 512 -34.73 -2.70 16.45
C THR A 512 -34.89 -3.59 17.67
N PRO A 513 -34.73 -4.92 17.60
CA PRO A 513 -34.94 -5.74 18.81
C PRO A 513 -34.05 -5.33 19.96
N LEU A 514 -32.80 -4.94 19.67
CA LEU A 514 -31.92 -4.45 20.73
C LEU A 514 -32.38 -3.10 21.27
N LEU A 515 -32.82 -2.21 20.38
CA LEU A 515 -33.26 -0.88 20.82
C LEU A 515 -34.44 -0.97 21.77
N HIS A 516 -35.38 -1.89 21.49
CA HIS A 516 -36.51 -2.08 22.40
C HIS A 516 -36.03 -2.58 23.76
N GLN A 517 -35.06 -3.49 23.76
CA GLN A 517 -34.52 -3.99 25.03
C GLN A 517 -33.86 -2.88 25.83
N ILE A 518 -33.14 -1.98 25.13
CA ILE A 518 -32.53 -0.84 25.82
C ILE A 518 -33.60 0.07 26.40
N ASP A 519 -34.63 0.38 25.60
CA ASP A 519 -35.70 1.25 26.09
C ASP A 519 -36.47 0.60 27.24
N LYS A 520 -36.71 -0.71 27.16
CA LYS A 520 -37.35 -1.42 28.26
C LYS A 520 -36.46 -1.50 29.50
N GLY A 521 -35.17 -1.20 29.38
CA GLY A 521 -34.27 -1.24 30.51
C GLY A 521 -33.51 -2.55 30.66
N GLU A 522 -33.65 -3.47 29.71
CA GLU A 522 -32.97 -4.76 29.82
C GLU A 522 -31.45 -4.65 29.63
N VAL A 523 -30.95 -3.51 29.15
CA VAL A 523 -29.52 -3.29 29.02
C VAL A 523 -29.19 -1.97 29.70
N LYS A 524 -28.16 -1.99 30.56
CA LYS A 524 -27.76 -0.81 31.32
C LYS A 524 -26.39 -0.34 30.88
N PRO A 525 -26.22 0.93 30.53
CA PRO A 525 -24.91 1.44 30.14
C PRO A 525 -23.94 1.44 31.31
N ILE A 526 -22.65 1.41 30.96
CA ILE A 526 -21.57 1.36 31.95
C ILE A 526 -20.93 2.74 32.01
N PRO A 527 -20.85 3.36 33.20
CA PRO A 527 -20.25 4.71 33.28
C PRO A 527 -18.79 4.70 32.86
N TYR A 528 -18.38 5.78 32.21
CA TYR A 528 -16.98 5.97 31.85
C TYR A 528 -16.65 7.46 31.89
N GLN A 529 -15.42 7.76 32.28
CA GLN A 529 -14.97 9.14 32.37
C GLN A 529 -14.86 9.74 30.97
N ALA A 530 -15.30 11.00 30.84
CA ALA A 530 -15.12 11.72 29.58
C ALA A 530 -13.64 11.92 29.31
N GLY A 531 -13.24 11.64 28.07
CA GLY A 531 -11.85 11.76 27.67
C GLY A 531 -11.09 10.45 27.66
N THR A 532 -11.61 9.42 28.31
CA THR A 532 -11.02 8.09 28.25
C THR A 532 -11.49 7.37 26.99
N ARG A 533 -11.10 6.10 26.87
CA ARG A 533 -11.51 5.31 25.72
C ARG A 533 -12.94 4.81 25.82
N GLY A 534 -13.52 4.78 27.02
CA GLY A 534 -14.82 4.20 27.21
C GLY A 534 -14.78 3.12 28.28
N PRO A 535 -15.86 2.35 28.40
CA PRO A 535 -15.87 1.25 29.38
C PRO A 535 -14.78 0.23 29.08
N LYS A 536 -14.17 -0.29 30.15
CA LYS A 536 -13.16 -1.33 29.98
C LYS A 536 -13.76 -2.60 29.41
N GLU A 537 -15.01 -2.90 29.75
CA GLU A 537 -15.67 -4.09 29.22
C GLU A 537 -15.80 -4.05 27.70
N ALA A 538 -15.83 -2.86 27.12
CA ALA A 538 -15.93 -2.73 25.66
C ALA A 538 -14.68 -3.28 24.98
N ASP A 539 -13.49 -2.88 25.46
CA ASP A 539 -12.26 -3.36 24.85
C ASP A 539 -12.06 -4.85 25.09
N ASP A 540 -12.48 -5.36 26.25
CA ASP A 540 -12.46 -6.81 26.46
C ASP A 540 -13.46 -7.51 25.56
N PHE A 541 -14.60 -6.87 25.29
CA PHE A 541 -15.57 -7.42 24.33
C PHE A 541 -14.95 -7.52 22.94
N ILE A 542 -14.15 -6.51 22.56
CA ILE A 542 -13.51 -6.53 21.26
C ILE A 542 -12.46 -7.64 21.18
N LEU A 543 -11.66 -7.82 22.23
CA LEU A 543 -10.68 -8.90 22.23
C LEU A 543 -11.33 -10.27 22.17
N ASN A 544 -12.42 -10.46 22.93
CA ASN A 544 -13.11 -11.75 22.89
C ASN A 544 -13.77 -12.02 21.55
N SER A 545 -13.99 -10.97 20.74
CA SER A 545 -14.63 -11.15 19.45
C SER A 545 -13.68 -11.64 18.38
N GLY A 546 -12.37 -11.53 18.59
CA GLY A 546 -11.40 -12.02 17.63
C GLY A 546 -10.40 -10.97 17.16
N PHE A 547 -10.42 -9.80 17.78
CA PHE A 547 -9.51 -8.72 17.42
C PHE A 547 -8.21 -8.82 18.22
N LYS A 548 -7.11 -8.62 17.52
CA LYS A 548 -5.78 -8.56 18.13
C LYS A 548 -5.30 -7.11 18.10
N PHE A 549 -5.10 -6.53 19.28
CA PHE A 549 -4.67 -5.14 19.37
C PHE A 549 -3.27 -4.97 18.82
N GLN A 550 -3.09 -3.90 18.05
CA GLN A 550 -1.85 -3.65 17.31
C GLN A 550 -1.05 -2.52 17.94
N CYS B 56 31.86 11.25 18.17
CA CYS B 56 32.27 9.93 17.72
C CYS B 56 31.17 8.90 17.93
N GLU B 57 31.57 7.68 18.24
CA GLU B 57 30.62 6.62 18.54
C GLU B 57 31.30 5.59 19.41
N ARG B 58 30.64 5.19 20.49
CA ARG B 58 31.16 4.08 21.27
C ARG B 58 30.68 2.80 20.60
N ILE B 59 31.57 1.81 20.50
CA ILE B 59 31.23 0.62 19.75
C ILE B 59 30.39 -0.27 20.65
N VAL B 60 29.12 -0.41 20.29
CA VAL B 60 28.19 -1.29 21.04
C VAL B 60 28.25 -2.66 20.39
N SER B 61 29.12 -3.53 20.89
CA SER B 61 29.31 -4.84 20.27
C SER B 61 28.00 -5.59 20.15
N LYS B 62 27.54 -5.82 18.93
CA LYS B 62 26.30 -6.55 18.69
C LYS B 62 26.55 -8.03 18.48
N VAL B 63 27.80 -8.47 18.61
CA VAL B 63 28.15 -9.87 18.43
C VAL B 63 27.62 -10.68 19.60
N SER B 64 27.06 -11.84 19.31
CA SER B 64 26.58 -12.70 20.39
C SER B 64 27.75 -13.21 21.21
N GLU B 65 27.45 -13.63 22.44
CA GLU B 65 28.50 -14.12 23.34
C GLU B 65 29.13 -15.40 22.83
N GLU B 66 28.36 -16.25 22.14
CA GLU B 66 28.91 -17.51 21.64
C GLU B 66 29.98 -17.30 20.58
N GLN B 67 29.90 -16.21 19.82
CA GLN B 67 30.87 -15.90 18.78
C GLN B 67 32.13 -15.21 19.31
N LYS B 68 32.19 -14.89 20.60
CA LYS B 68 33.33 -14.18 21.18
C LYS B 68 34.28 -15.10 21.96
N ARG B 69 34.06 -16.41 21.93
CA ARG B 69 34.83 -17.33 22.76
C ARG B 69 36.11 -17.84 22.11
N ARG B 70 36.13 -17.96 20.78
CA ARG B 70 37.27 -18.54 20.08
C ARG B 70 37.94 -17.51 19.21
N PRO B 71 39.22 -17.70 18.88
CA PRO B 71 39.86 -16.80 17.92
C PRO B 71 39.14 -16.84 16.58
N LEU B 72 39.13 -15.70 15.91
CA LEU B 72 38.57 -15.61 14.57
C LEU B 72 39.62 -14.98 13.67
N THR B 73 39.87 -15.63 12.53
CA THR B 73 40.80 -15.12 11.54
C THR B 73 40.10 -15.00 10.20
N VAL B 74 40.26 -13.85 9.56
CA VAL B 74 39.74 -13.60 8.24
C VAL B 74 40.94 -13.34 7.34
N VAL B 75 41.18 -14.25 6.39
CA VAL B 75 42.31 -14.16 5.49
C VAL B 75 41.77 -13.71 4.14
N VAL B 76 42.16 -12.51 3.72
CA VAL B 76 41.72 -11.96 2.44
C VAL B 76 42.84 -12.23 1.45
N LEU B 77 42.71 -13.32 0.70
CA LEU B 77 43.65 -13.58 -0.39
C LEU B 77 43.46 -12.54 -1.48
N GLY B 78 44.58 -12.12 -2.08
CA GLY B 78 44.52 -11.03 -3.04
C GLY B 78 44.29 -9.67 -2.40
N ALA B 79 44.89 -9.45 -1.23
CA ALA B 79 44.70 -8.18 -0.52
C ALA B 79 45.22 -6.99 -1.31
N SER B 80 46.09 -7.21 -2.30
CA SER B 80 46.56 -6.15 -3.17
C SER B 80 45.59 -5.84 -4.30
N GLY B 81 44.57 -6.67 -4.50
CA GLY B 81 43.67 -6.49 -5.62
C GLY B 81 42.70 -5.34 -5.43
N ASP B 82 42.06 -4.96 -6.54
CA ASP B 82 41.11 -3.86 -6.52
C ASP B 82 39.92 -4.17 -5.62
N LEU B 83 39.37 -5.38 -5.73
CA LEU B 83 38.17 -5.72 -4.97
C LEU B 83 38.43 -5.76 -3.48
N ALA B 84 39.59 -6.27 -3.07
CA ALA B 84 39.88 -6.41 -1.65
C ALA B 84 39.88 -5.05 -0.95
N LYS B 85 40.51 -4.05 -1.57
CA LYS B 85 40.65 -2.75 -0.93
C LYS B 85 39.49 -1.81 -1.22
N LYS B 86 38.74 -2.03 -2.30
CA LYS B 86 37.58 -1.21 -2.59
C LYS B 86 36.30 -1.75 -1.96
N LYS B 87 36.19 -3.07 -1.79
CA LYS B 87 34.98 -3.68 -1.25
C LYS B 87 35.19 -4.50 0.01
N THR B 88 36.23 -5.33 0.07
CA THR B 88 36.34 -6.30 1.17
C THR B 88 36.73 -5.60 2.47
N PHE B 89 37.91 -4.98 2.48
CA PHE B 89 38.35 -4.27 3.68
C PHE B 89 37.40 -3.15 4.12
N PRO B 90 36.87 -2.31 3.22
CA PRO B 90 35.86 -1.33 3.69
C PRO B 90 34.66 -1.98 4.35
N ALA B 91 34.22 -3.14 3.83
CA ALA B 91 33.12 -3.86 4.48
C ALA B 91 33.52 -4.36 5.86
N LEU B 92 34.74 -4.90 5.99
CA LEU B 92 35.23 -5.32 7.30
C LEU B 92 35.33 -4.14 8.25
N PHE B 93 35.80 -3.00 7.76
CA PHE B 93 35.85 -1.80 8.59
C PHE B 93 34.45 -1.38 9.04
N GLN B 94 33.48 -1.40 8.13
CA GLN B 94 32.11 -1.07 8.51
C GLN B 94 31.55 -2.08 9.49
N LEU B 95 31.90 -3.35 9.32
CA LEU B 95 31.47 -4.38 10.27
C LEU B 95 32.03 -4.11 11.67
N TYR B 96 33.28 -3.63 11.74
CA TYR B 96 33.88 -3.30 13.03
C TYR B 96 33.14 -2.15 13.70
N CYS B 97 32.83 -1.10 12.94
CA CYS B 97 32.14 0.06 13.49
C CYS B 97 30.76 -0.31 13.99
N ASP B 98 30.07 -1.20 13.27
CA ASP B 98 28.73 -1.65 13.65
C ASP B 98 28.75 -2.60 14.84
N GLY B 99 29.93 -2.97 15.35
CA GLY B 99 30.01 -3.92 16.44
C GLY B 99 29.70 -5.34 16.03
N LEU B 100 29.82 -5.66 14.74
CA LEU B 100 29.51 -6.99 14.23
C LEU B 100 30.75 -7.87 14.09
N LEU B 101 31.88 -7.46 14.67
CA LEU B 101 33.05 -8.30 14.72
C LEU B 101 33.37 -8.68 16.17
N PRO B 102 33.79 -9.91 16.43
CA PRO B 102 34.12 -10.33 17.79
C PRO B 102 35.27 -9.50 18.33
N PRO B 103 35.38 -9.37 19.66
CA PRO B 103 36.30 -8.37 20.23
C PRO B 103 37.75 -8.49 19.76
N GLN B 104 38.26 -9.71 19.60
CA GLN B 104 39.64 -9.90 19.14
C GLN B 104 39.63 -10.76 17.88
N ILE B 105 39.18 -10.17 16.78
CA ILE B 105 39.27 -10.80 15.47
C ILE B 105 40.64 -10.50 14.89
N ASN B 106 41.15 -11.41 14.07
CA ASN B 106 42.39 -11.21 13.33
C ASN B 106 42.07 -11.15 11.84
N ILE B 107 42.57 -10.11 11.18
CA ILE B 107 42.36 -9.93 9.74
C ILE B 107 43.73 -9.93 9.07
N VAL B 108 43.97 -10.90 8.19
CA VAL B 108 45.25 -11.08 7.52
C VAL B 108 45.09 -10.76 6.04
N GLY B 109 45.92 -9.85 5.55
CA GLY B 109 45.94 -9.50 4.14
C GLY B 109 46.98 -10.29 3.36
N TYR B 110 46.52 -11.32 2.66
CA TYR B 110 47.37 -12.19 1.87
C TYR B 110 47.55 -11.63 0.46
N ALA B 111 48.79 -11.59 -0.03
CA ALA B 111 49.05 -11.07 -1.36
C ALA B 111 50.38 -11.60 -1.88
N ARG B 112 50.56 -11.50 -3.20
CA ARG B 112 51.82 -11.89 -3.82
C ARG B 112 52.89 -10.81 -3.62
N THR B 113 52.49 -9.57 -3.92
CA THR B 113 53.44 -8.43 -3.76
C THR B 113 53.81 -8.25 -2.29
N LYS B 114 55.11 -8.17 -2.00
CA LYS B 114 55.58 -7.88 -0.66
C LYS B 114 55.69 -6.38 -0.46
N GLN B 115 55.24 -5.92 0.73
CA GLN B 115 55.31 -4.48 1.07
C GLN B 115 56.05 -4.31 2.41
N ASP B 116 57.26 -3.75 2.38
CA ASP B 116 58.00 -3.45 3.61
C ASP B 116 57.24 -2.48 4.49
N ASP B 117 56.30 -1.73 3.91
CA ASP B 117 55.46 -0.81 4.68
C ASP B 117 54.34 -1.62 5.32
N VAL B 118 54.70 -2.36 6.37
CA VAL B 118 53.70 -3.17 7.08
C VAL B 118 52.65 -2.26 7.70
N GLU B 119 53.08 -1.19 8.35
CA GLU B 119 52.16 -0.23 8.95
C GLU B 119 51.82 0.95 8.05
N LYS B 120 52.56 1.17 6.96
CA LYS B 120 52.20 2.25 6.05
C LYS B 120 51.22 1.83 4.97
N TRP B 121 51.38 0.63 4.39
CA TRP B 121 50.41 0.13 3.43
C TRP B 121 49.01 0.10 4.03
N LYS B 122 48.91 -0.20 5.33
CA LYS B 122 47.63 -0.19 6.03
C LYS B 122 47.02 1.20 6.10
N HIS B 123 47.83 2.25 5.97
CA HIS B 123 47.41 3.62 6.19
C HIS B 123 47.42 4.48 4.94
N GLU B 124 47.90 3.96 3.80
CA GLU B 124 47.95 4.76 2.59
C GLU B 124 47.13 4.19 1.43
N THR B 125 46.92 2.87 1.44
CA THR B 125 46.16 2.22 0.34
C THR B 125 44.84 1.65 0.87
N LEU B 126 44.81 1.26 2.14
CA LEU B 126 43.63 0.62 2.69
C LEU B 126 42.54 1.64 3.00
N THR B 127 42.90 2.72 3.69
CA THR B 127 41.91 3.73 4.06
C THR B 127 41.63 4.70 2.92
N LYS B 128 42.39 4.62 1.82
CA LYS B 128 42.12 5.46 0.67
C LYS B 128 40.70 5.23 0.15
N TYR B 129 40.27 3.97 0.13
CA TYR B 129 38.95 3.60 -0.35
C TYR B 129 37.96 3.35 0.78
N PHE B 130 38.21 3.91 1.97
CA PHE B 130 37.26 3.86 3.07
C PHE B 130 36.19 4.94 2.90
N SER B 131 35.14 4.82 3.72
CA SER B 131 34.00 5.73 3.62
C SER B 131 33.46 6.01 5.02
N ARG B 132 32.50 6.96 5.08
CA ARG B 132 31.94 7.45 6.35
C ARG B 132 33.02 8.00 7.27
N LEU B 133 33.95 8.78 6.71
CA LEU B 133 35.07 9.30 7.47
C LEU B 133 34.74 10.59 8.22
N HIS B 134 33.56 11.16 8.03
CA HIS B 134 33.15 12.33 8.81
C HIS B 134 32.46 11.96 10.10
N GLU B 135 32.17 10.67 10.32
CA GLU B 135 31.52 10.20 11.54
C GLU B 135 32.20 8.99 12.15
N ARG B 136 32.98 8.21 11.39
CA ARG B 136 33.64 7.01 11.90
C ARG B 136 35.16 7.11 11.87
N SER B 137 35.72 8.31 11.68
CA SER B 137 37.21 8.44 11.71
C SER B 137 37.79 8.04 13.07
N CYS B 138 37.00 8.08 14.14
CA CYS B 138 37.51 7.80 15.47
C CYS B 138 38.03 6.37 15.64
N HIS B 139 37.66 5.44 14.75
CA HIS B 139 37.95 4.02 14.95
C HIS B 139 38.80 3.42 13.83
N VAL B 140 39.43 4.26 13.01
CA VAL B 140 40.29 3.73 11.95
C VAL B 140 41.50 3.02 12.55
N GLU B 141 42.20 3.68 13.46
CA GLU B 141 43.37 3.05 14.08
C GLU B 141 43.03 1.82 14.91
N PRO B 142 42.02 1.84 15.79
CA PRO B 142 41.70 0.59 16.51
C PRO B 142 41.32 -0.55 15.59
N PHE B 143 40.76 -0.27 14.41
CA PHE B 143 40.48 -1.34 13.46
C PHE B 143 41.75 -1.84 12.79
N LEU B 144 42.64 -0.92 12.38
CA LEU B 144 43.90 -1.33 11.79
C LEU B 144 44.76 -2.10 12.78
N LYS B 145 44.46 -1.98 14.07
CA LYS B 145 45.13 -2.79 15.09
C LYS B 145 44.94 -4.28 14.84
N HIS B 146 43.78 -4.66 14.32
CA HIS B 146 43.47 -6.06 14.04
C HIS B 146 44.02 -6.56 12.71
N VAL B 147 44.59 -5.69 11.87
CA VAL B 147 44.98 -6.05 10.51
C VAL B 147 46.46 -6.39 10.47
N THR B 148 46.76 -7.56 9.92
CA THR B 148 48.12 -8.03 9.69
C THR B 148 48.33 -8.32 8.21
N TYR B 149 49.59 -8.32 7.78
CA TYR B 149 49.94 -8.54 6.39
C TYR B 149 50.78 -9.81 6.26
N PHE B 150 50.56 -10.54 5.17
CA PHE B 150 51.26 -11.79 4.91
C PHE B 150 51.47 -11.92 3.41
N THR B 151 52.71 -12.12 3.00
CA THR B 151 53.06 -12.24 1.59
C THR B 151 53.22 -13.71 1.21
N GLY B 152 52.87 -14.03 -0.03
CA GLY B 152 53.02 -15.38 -0.53
C GLY B 152 52.24 -15.57 -1.80
N SER B 153 52.41 -16.75 -2.39
CA SER B 153 51.69 -17.13 -3.59
C SER B 153 50.34 -17.73 -3.23
N TYR B 154 49.46 -17.76 -4.24
CA TYR B 154 48.10 -18.27 -4.05
C TYR B 154 47.96 -19.76 -4.34
N ASP B 155 49.03 -20.44 -4.76
CA ASP B 155 48.91 -21.83 -5.20
C ASP B 155 50.00 -22.76 -4.69
N LYS B 156 50.88 -22.32 -3.79
CA LYS B 156 51.94 -23.16 -3.27
C LYS B 156 51.59 -23.61 -1.85
N LYS B 157 51.65 -24.92 -1.63
CA LYS B 157 51.21 -25.50 -0.35
C LYS B 157 52.05 -24.98 0.82
N GLU B 158 53.37 -24.87 0.64
CA GLU B 158 54.21 -24.45 1.76
C GLU B 158 53.96 -22.99 2.14
N ASP B 159 53.54 -22.15 1.18
CA ASP B 159 53.21 -20.77 1.51
C ASP B 159 52.05 -20.68 2.48
N PHE B 160 51.17 -21.68 2.48
CA PHE B 160 50.05 -21.71 3.39
C PHE B 160 50.37 -22.40 4.71
N GLN B 161 51.36 -23.30 4.71
CA GLN B 161 51.88 -23.81 5.96
C GLN B 161 52.56 -22.70 6.76
N ARG B 162 53.24 -21.78 6.07
CA ARG B 162 53.78 -20.60 6.74
C ARG B 162 52.65 -19.74 7.29
N LEU B 163 51.58 -19.56 6.50
CA LEU B 163 50.43 -18.78 6.97
C LEU B 163 49.78 -19.46 8.17
N ASP B 164 49.71 -20.79 8.16
CA ASP B 164 49.08 -21.52 9.26
C ASP B 164 49.81 -21.23 10.57
N GLU B 165 51.14 -21.26 10.56
CA GLU B 165 51.89 -20.94 11.76
C GLU B 165 51.80 -19.47 12.10
N HIS B 166 51.80 -18.59 11.08
CA HIS B 166 51.64 -17.17 11.34
C HIS B 166 50.29 -16.86 11.97
N VAL B 167 49.22 -17.47 11.44
CA VAL B 167 47.90 -17.28 12.02
C VAL B 167 47.83 -17.97 13.38
N SER B 168 48.45 -19.14 13.51
CA SER B 168 48.49 -19.81 14.81
C SER B 168 49.16 -18.93 15.85
N LYS B 169 50.14 -18.11 15.44
CA LYS B 169 50.71 -17.11 16.34
C LYS B 169 49.64 -16.13 16.80
N LEU B 170 48.77 -15.72 15.87
CA LEU B 170 47.69 -14.81 16.24
C LEU B 170 46.62 -15.52 17.06
N GLU B 171 46.33 -16.78 16.73
CA GLU B 171 45.32 -17.53 17.49
C GLU B 171 45.77 -17.75 18.93
N ASP B 172 47.06 -18.00 19.14
CA ASP B 172 47.54 -18.21 20.50
C ASP B 172 47.48 -16.95 21.34
N ALA B 173 47.57 -15.78 20.71
CA ALA B 173 47.50 -14.52 21.43
C ALA B 173 46.10 -14.14 21.86
N PHE B 174 45.09 -14.92 21.50
CA PHE B 174 43.72 -14.61 21.89
C PHE B 174 43.53 -14.75 23.40
N ASP B 175 42.70 -13.88 23.97
CA ASP B 175 42.35 -13.95 25.39
C ASP B 175 41.27 -15.00 25.58
N GLY B 176 41.66 -16.16 26.07
CA GLY B 176 40.73 -17.25 26.28
C GLY B 176 41.44 -18.59 26.20
N GLU B 177 40.82 -19.59 26.83
CA GLU B 177 41.39 -20.93 26.83
C GLU B 177 41.46 -21.53 25.44
N GLU B 178 40.40 -21.40 24.65
CA GLU B 178 40.34 -22.05 23.35
C GLU B 178 41.26 -21.34 22.36
N LYS B 179 42.19 -22.11 21.78
CA LYS B 179 43.16 -21.61 20.82
C LYS B 179 42.97 -22.15 19.42
N ALA B 180 42.00 -23.04 19.19
CA ALA B 180 41.80 -23.59 17.85
C ALA B 180 41.45 -22.50 16.85
N GLY B 181 40.46 -21.68 17.16
CA GLY B 181 40.09 -20.60 16.28
C GLY B 181 39.34 -20.99 15.03
N ASP B 182 38.34 -20.18 14.69
CA ASP B 182 37.66 -20.27 13.40
C ASP B 182 38.45 -19.53 12.33
N ARG B 183 38.45 -20.07 11.11
CA ARG B 183 39.17 -19.45 9.99
C ARG B 183 38.23 -19.26 8.81
N LEU B 184 38.16 -18.04 8.31
CA LEU B 184 37.37 -17.70 7.13
C LEU B 184 38.30 -17.16 6.05
N PHE B 185 38.20 -17.72 4.85
CA PHE B 185 39.04 -17.31 3.73
C PHE B 185 38.19 -16.59 2.70
N TYR B 186 38.57 -15.36 2.36
CA TYR B 186 37.91 -14.57 1.32
C TYR B 186 38.84 -14.55 0.11
N LEU B 187 38.40 -15.19 -0.98
CA LEU B 187 39.25 -15.33 -2.15
C LEU B 187 38.97 -14.18 -3.13
N ALA B 188 39.54 -13.02 -2.82
CA ALA B 188 39.49 -11.87 -3.73
C ALA B 188 40.53 -12.05 -4.83
N LEU B 189 40.31 -13.08 -5.63
CA LEU B 189 41.25 -13.57 -6.63
C LEU B 189 40.52 -13.76 -7.95
N PRO B 190 41.25 -13.81 -9.07
CA PRO B 190 40.61 -14.17 -10.34
C PRO B 190 40.11 -15.60 -10.27
N PRO B 191 39.09 -15.93 -11.07
CA PRO B 191 38.50 -17.29 -11.01
C PRO B 191 39.51 -18.38 -11.32
N SER B 192 40.50 -18.10 -12.15
CA SER B 192 41.51 -19.11 -12.49
C SER B 192 42.29 -19.56 -11.25
N ALA B 193 42.37 -18.72 -10.23
CA ALA B 193 43.11 -19.05 -9.02
C ALA B 193 42.26 -19.75 -7.96
N PHE B 194 40.94 -19.84 -8.16
CA PHE B 194 40.08 -20.41 -7.12
C PHE B 194 40.46 -21.86 -6.82
N ALA B 195 40.58 -22.69 -7.86
CA ALA B 195 40.91 -24.10 -7.63
C ALA B 195 42.29 -24.23 -7.01
N GLY B 196 43.26 -23.46 -7.49
CA GLY B 196 44.60 -23.54 -6.92
C GLY B 196 44.65 -23.12 -5.47
N ALA B 197 43.96 -22.02 -5.13
CA ALA B 197 43.94 -21.55 -3.75
C ALA B 197 43.22 -22.54 -2.84
N CYS B 198 42.10 -23.09 -3.29
CA CYS B 198 41.32 -24.00 -2.44
C CYS B 198 42.12 -25.23 -2.09
N GLY B 199 42.84 -25.80 -3.05
CA GLY B 199 43.68 -26.95 -2.77
C GLY B 199 44.80 -26.63 -1.79
N SER B 200 45.44 -25.46 -1.98
CA SER B 200 46.53 -25.08 -1.09
C SER B 200 46.04 -24.86 0.33
N ILE B 201 44.88 -24.22 0.50
CA ILE B 201 44.34 -23.97 1.83
C ILE B 201 44.06 -25.29 2.55
N ARG B 202 43.42 -26.22 1.85
CA ARG B 202 43.11 -27.52 2.43
C ARG B 202 44.36 -28.28 2.84
N ALA B 203 45.45 -28.13 2.08
CA ALA B 203 46.65 -28.93 2.31
C ALA B 203 47.60 -28.32 3.33
N GLY B 204 47.48 -27.02 3.62
CA GLY B 204 48.44 -26.39 4.51
C GLY B 204 47.94 -25.35 5.48
N ALA B 205 46.63 -25.07 5.49
CA ALA B 205 46.13 -24.00 6.35
C ALA B 205 44.80 -24.32 7.01
N MET B 206 44.48 -25.60 7.20
CA MET B 206 43.25 -25.96 7.87
C MET B 206 43.31 -25.53 9.34
N PRO B 207 42.15 -25.26 9.95
CA PRO B 207 42.16 -24.86 11.36
C PRO B 207 42.54 -26.02 12.27
N ARG B 208 42.92 -25.66 13.49
CA ARG B 208 43.15 -26.64 14.55
C ARG B 208 41.86 -27.41 14.82
N GLU B 209 41.98 -28.47 15.63
CA GLU B 209 40.84 -29.32 15.91
C GLU B 209 39.82 -28.50 16.69
N GLY B 210 38.61 -28.40 16.16
CA GLY B 210 37.61 -27.53 16.72
C GLY B 210 37.07 -26.61 15.66
N GLY B 211 37.42 -25.32 15.73
CA GLY B 211 36.90 -24.29 14.86
C GLY B 211 36.76 -24.63 13.39
N TRP B 212 35.72 -24.07 12.77
CA TRP B 212 35.34 -24.39 11.39
C TRP B 212 36.24 -23.69 10.39
N ILE B 213 36.01 -24.00 9.11
CA ILE B 213 36.65 -23.31 7.99
C ILE B 213 35.60 -23.01 6.94
N ARG B 214 35.59 -21.78 6.43
CA ARG B 214 34.69 -21.37 5.36
C ARG B 214 35.48 -20.59 4.32
N VAL B 215 35.14 -20.82 3.06
CA VAL B 215 35.82 -20.18 1.93
C VAL B 215 34.78 -19.39 1.13
N ILE B 216 35.03 -18.09 0.95
CA ILE B 216 34.15 -17.23 0.18
C ILE B 216 34.76 -17.03 -1.20
N ILE B 217 34.00 -17.39 -2.24
CA ILE B 217 34.42 -17.19 -3.62
C ILE B 217 33.34 -16.37 -4.32
N GLU B 218 33.78 -15.52 -5.25
CA GLU B 218 32.87 -14.60 -5.93
C GLU B 218 32.76 -14.95 -7.41
N LYS B 219 31.80 -14.30 -8.07
CA LYS B 219 31.57 -14.47 -9.48
C LYS B 219 32.77 -13.96 -10.29
N PRO B 220 32.93 -14.42 -11.54
CA PRO B 220 32.10 -15.40 -12.26
C PRO B 220 32.51 -16.85 -11.99
N PHE B 221 31.53 -17.75 -11.98
CA PHE B 221 31.78 -19.19 -11.89
C PHE B 221 31.59 -19.76 -13.29
N GLY B 222 32.63 -19.63 -14.11
CA GLY B 222 32.53 -20.05 -15.48
C GLY B 222 31.75 -19.07 -16.33
N HIS B 223 31.49 -19.48 -17.57
CA HIS B 223 30.72 -18.69 -18.52
C HIS B 223 29.65 -19.50 -19.25
N ASP B 224 29.47 -20.77 -18.88
CA ASP B 224 28.37 -21.60 -19.37
C ASP B 224 28.23 -22.78 -18.43
N THR B 225 27.39 -23.76 -18.81
CA THR B 225 27.15 -24.91 -17.94
C THR B 225 28.42 -25.73 -17.74
N GLU B 226 29.14 -26.02 -18.82
CA GLU B 226 30.32 -26.87 -18.73
C GLU B 226 31.43 -26.22 -17.92
N SER B 227 31.76 -24.96 -18.22
CA SER B 227 32.83 -24.29 -17.50
C SER B 227 32.48 -24.12 -16.03
N SER B 228 31.23 -23.79 -15.73
CA SER B 228 30.81 -23.63 -14.34
C SER B 228 30.87 -24.96 -13.60
N ALA B 229 30.49 -26.06 -14.26
CA ALA B 229 30.52 -27.36 -13.62
C ALA B 229 31.95 -27.83 -13.37
N GLU B 230 32.88 -27.48 -14.26
CA GLU B 230 34.26 -27.89 -14.07
C GLU B 230 34.92 -27.15 -12.91
N LEU B 231 34.56 -25.88 -12.71
CA LEU B 231 35.05 -25.16 -11.53
C LEU B 231 34.52 -25.76 -10.25
N SER B 232 33.24 -26.13 -10.23
CA SER B 232 32.68 -26.81 -9.06
C SER B 232 33.29 -28.20 -8.89
N LYS B 233 33.62 -28.87 -9.99
CA LYS B 233 34.27 -30.18 -9.91
C LYS B 233 35.63 -30.08 -9.24
N ALA B 234 36.39 -29.03 -9.57
CA ALA B 234 37.74 -28.86 -9.00
C ALA B 234 37.69 -28.55 -7.51
N ILE B 235 36.64 -27.87 -7.04
CA ILE B 235 36.56 -27.48 -5.64
C ILE B 235 35.98 -28.59 -4.76
N GLU B 236 35.20 -29.50 -5.32
CA GLU B 236 34.58 -30.58 -4.55
C GLU B 236 35.55 -31.38 -3.69
N PRO B 237 36.73 -31.80 -4.16
CA PRO B 237 37.63 -32.57 -3.28
C PRO B 237 38.05 -31.82 -2.03
N PHE B 238 38.14 -30.49 -2.10
CA PHE B 238 38.74 -29.71 -1.02
C PHE B 238 37.73 -29.25 0.03
N PHE B 239 36.54 -28.84 -0.38
CA PHE B 239 35.52 -28.41 0.57
C PHE B 239 34.14 -28.83 0.07
N ASP B 240 33.21 -29.01 0.99
CA ASP B 240 31.84 -29.35 0.67
C ASP B 240 30.99 -28.08 0.71
N GLU B 241 29.69 -28.25 0.43
CA GLU B 241 28.82 -27.08 0.30
C GLU B 241 28.67 -26.33 1.62
N SER B 242 28.78 -27.02 2.75
CA SER B 242 28.65 -26.35 4.03
C SER B 242 29.85 -25.46 4.35
N GLN B 243 30.95 -25.58 3.59
CA GLN B 243 32.11 -24.75 3.78
C GLN B 243 32.34 -23.75 2.65
N ILE B 244 31.58 -23.84 1.57
CA ILE B 244 31.75 -22.97 0.41
C ILE B 244 30.63 -21.93 0.42
N TYR B 245 31.01 -20.66 0.26
CA TYR B 245 30.08 -19.52 0.29
C TYR B 245 30.26 -18.73 -1.01
N ARG B 246 29.46 -19.06 -2.02
CA ARG B 246 29.50 -18.35 -3.30
C ARG B 246 28.68 -17.07 -3.23
N ILE B 247 29.30 -15.96 -3.60
CA ILE B 247 28.70 -14.64 -3.49
C ILE B 247 28.07 -14.14 -4.77
N ASP B 248 26.76 -13.90 -4.75
CA ASP B 248 26.10 -13.04 -5.73
C ASP B 248 25.69 -11.79 -4.96
N HIS B 249 26.40 -10.68 -5.19
CA HIS B 249 26.29 -9.56 -4.27
C HIS B 249 24.90 -8.92 -4.28
N TYR B 250 24.07 -9.21 -5.29
CA TYR B 250 22.69 -8.77 -5.22
C TYR B 250 21.94 -9.40 -4.05
N LEU B 251 22.40 -10.57 -3.61
CA LEU B 251 21.76 -11.26 -2.47
C LEU B 251 22.10 -10.50 -1.18
N GLY B 252 23.09 -9.62 -1.20
CA GLY B 252 23.35 -8.78 -0.05
C GLY B 252 22.58 -7.48 -0.02
N LYS B 253 21.83 -7.17 -1.08
CA LYS B 253 21.09 -5.92 -1.14
C LYS B 253 19.84 -5.97 -0.26
N GLU B 254 19.47 -4.81 0.28
CA GLU B 254 18.35 -4.71 1.21
C GLU B 254 17.04 -5.11 0.54
N MET B 255 16.80 -4.60 -0.66
CA MET B 255 15.50 -4.87 -1.31
C MET B 255 15.40 -6.33 -1.76
N VAL B 256 16.50 -6.92 -2.20
CA VAL B 256 16.47 -8.32 -2.59
C VAL B 256 16.18 -9.20 -1.37
N GLN B 257 16.83 -8.92 -0.24
CA GLN B 257 16.59 -9.71 0.96
C GLN B 257 15.17 -9.53 1.47
N ASN B 258 14.54 -8.39 1.17
CA ASN B 258 13.21 -8.14 1.67
C ASN B 258 12.13 -8.88 0.88
N ILE B 259 12.48 -9.50 -0.25
CA ILE B 259 11.49 -10.21 -1.04
C ILE B 259 10.86 -11.33 -0.22
N ILE B 260 11.69 -12.10 0.50
CA ILE B 260 11.17 -13.21 1.29
C ILE B 260 10.19 -12.72 2.36
N THR B 261 10.57 -11.66 3.08
CA THR B 261 9.71 -11.16 4.15
C THR B 261 8.42 -10.56 3.60
N THR B 262 8.53 -9.80 2.51
CA THR B 262 7.34 -9.22 1.88
C THR B 262 6.36 -10.32 1.48
N ARG B 263 6.87 -11.38 0.83
CA ARG B 263 6.00 -12.39 0.25
C ARG B 263 5.39 -13.31 1.31
N PHE B 264 6.16 -13.66 2.34
CA PHE B 264 5.80 -14.79 3.18
C PHE B 264 5.48 -14.42 4.62
N ALA B 265 5.64 -13.17 5.02
CA ALA B 265 5.22 -12.72 6.34
C ALA B 265 3.87 -12.01 6.30
N ASN B 266 3.31 -11.77 5.12
CA ASN B 266 2.13 -10.93 4.97
C ASN B 266 1.05 -11.68 4.21
N ARG B 267 -0.13 -11.79 4.81
CA ARG B 267 -1.26 -12.43 4.15
C ARG B 267 -1.67 -11.67 2.89
N ILE B 268 -1.50 -10.35 2.89
CA ILE B 268 -1.91 -9.53 1.75
C ILE B 268 -1.14 -9.94 0.50
N PHE B 269 0.18 -10.10 0.62
CA PHE B 269 0.96 -10.52 -0.54
C PHE B 269 0.90 -12.01 -0.78
N SER B 270 0.74 -12.80 0.28
CA SER B 270 0.69 -14.26 0.14
C SER B 270 -0.50 -14.69 -0.69
N ALA B 271 -1.68 -14.14 -0.39
CA ALA B 271 -2.90 -14.54 -1.09
C ALA B 271 -2.94 -14.08 -2.55
N LEU B 272 -2.13 -13.09 -2.92
CA LEU B 272 -2.15 -12.52 -4.26
C LEU B 272 -1.10 -13.10 -5.20
N TRP B 273 -0.15 -13.87 -4.69
CA TRP B 273 1.11 -14.12 -5.40
C TRP B 273 1.05 -15.43 -6.20
N ASN B 274 0.21 -15.43 -7.23
CA ASN B 274 0.04 -16.59 -8.08
C ASN B 274 -0.63 -16.15 -9.39
N SER B 275 -0.81 -17.12 -10.30
CA SER B 275 -1.35 -16.85 -11.63
C SER B 275 -2.82 -16.49 -11.63
N ASN B 276 -3.55 -16.73 -10.54
CA ASN B 276 -4.95 -16.31 -10.52
C ASN B 276 -5.07 -14.79 -10.55
N ASN B 277 -4.08 -14.08 -10.03
CA ASN B 277 -4.16 -12.63 -9.90
C ASN B 277 -3.05 -11.88 -10.61
N ILE B 278 -1.95 -12.53 -10.97
CA ILE B 278 -0.81 -11.87 -11.58
C ILE B 278 -0.85 -12.12 -13.08
N ALA B 279 -0.74 -11.05 -13.87
CA ALA B 279 -0.74 -11.15 -15.31
C ALA B 279 0.66 -11.30 -15.91
N CYS B 280 1.65 -10.62 -15.33
CA CYS B 280 3.01 -10.70 -15.85
C CYS B 280 3.96 -10.06 -14.86
N VAL B 281 5.23 -10.47 -14.96
CA VAL B 281 6.28 -10.04 -14.04
C VAL B 281 7.47 -9.61 -14.89
N GLN B 282 8.05 -8.46 -14.56
CA GLN B 282 9.24 -7.98 -15.23
C GLN B 282 10.30 -7.61 -14.19
N ILE B 283 11.53 -7.99 -14.46
CA ILE B 283 12.69 -7.66 -13.64
C ILE B 283 13.69 -6.95 -14.53
N THR B 284 14.10 -5.74 -14.15
CA THR B 284 14.79 -4.83 -15.05
C THR B 284 16.13 -4.36 -14.49
N PHE B 285 17.15 -4.32 -15.33
CA PHE B 285 18.43 -3.70 -15.01
C PHE B 285 18.76 -2.70 -16.11
N LYS B 286 18.92 -1.43 -15.72
CA LYS B 286 19.18 -0.37 -16.71
C LYS B 286 20.36 0.50 -16.28
N GLU B 287 21.27 0.82 -17.20
CA GLU B 287 22.42 1.68 -16.95
C GLU B 287 22.53 2.71 -18.06
N THR B 288 22.87 3.94 -17.68
CA THR B 288 23.09 5.00 -18.67
C THR B 288 24.47 4.90 -19.32
N ILE B 289 25.48 4.45 -18.57
CA ILE B 289 26.83 4.39 -19.13
C ILE B 289 26.94 3.21 -20.10
N GLY B 290 28.01 3.23 -20.90
CA GLY B 290 28.34 2.16 -21.81
C GLY B 290 29.47 1.30 -21.29
N THR B 291 30.27 0.77 -22.22
CA THR B 291 31.44 -0.01 -21.82
C THR B 291 32.58 0.87 -21.36
N GLU B 292 32.56 2.16 -21.70
CA GLU B 292 33.53 3.15 -21.22
C GLU B 292 34.96 2.73 -21.54
N GLY B 293 35.18 2.29 -22.77
CA GLY B 293 36.50 1.94 -23.24
C GLY B 293 36.93 0.52 -22.96
N ARG B 294 36.33 -0.16 -21.99
CA ARG B 294 36.70 -1.56 -21.74
C ARG B 294 35.76 -2.50 -22.49
N GLY B 295 35.54 -2.23 -23.77
CA GLY B 295 34.66 -3.07 -24.56
C GLY B 295 35.26 -4.44 -24.83
N GLY B 296 36.59 -4.53 -24.88
CA GLY B 296 37.22 -5.83 -25.05
C GLY B 296 36.97 -6.75 -23.88
N TYR B 297 36.94 -6.19 -22.66
CA TYR B 297 36.62 -6.99 -21.48
C TYR B 297 35.16 -7.44 -21.49
N PHE B 298 34.26 -6.56 -21.92
CA PHE B 298 32.84 -6.88 -21.94
C PHE B 298 32.49 -7.85 -23.07
N ASP B 299 33.20 -7.78 -24.19
CA ASP B 299 32.81 -8.54 -25.38
C ASP B 299 32.79 -10.03 -25.14
N SER B 300 33.64 -10.53 -24.25
CA SER B 300 33.64 -11.96 -23.94
C SER B 300 32.55 -12.35 -22.95
N ILE B 301 31.88 -11.38 -22.33
CA ILE B 301 30.87 -11.66 -21.33
C ILE B 301 29.47 -11.44 -21.90
N GLY B 302 29.18 -10.23 -22.34
CA GLY B 302 27.86 -9.89 -22.80
C GLY B 302 26.92 -9.56 -21.65
N ILE B 303 25.81 -8.90 -22.01
CA ILE B 303 24.89 -8.42 -20.98
C ILE B 303 24.20 -9.58 -20.26
N ILE B 304 23.97 -10.70 -20.96
CA ILE B 304 23.25 -11.82 -20.34
C ILE B 304 24.10 -12.44 -19.23
N ARG B 305 25.37 -12.74 -19.51
CA ARG B 305 26.24 -13.28 -18.47
C ARG B 305 26.52 -12.26 -17.38
N ASP B 306 26.64 -10.98 -17.76
CA ASP B 306 27.07 -9.96 -16.82
C ASP B 306 26.07 -9.78 -15.68
N VAL B 307 24.78 -9.62 -16.01
CA VAL B 307 23.78 -9.26 -15.01
C VAL B 307 22.54 -10.15 -15.04
N MET B 308 22.22 -10.84 -16.14
CA MET B 308 20.93 -11.50 -16.22
C MET B 308 20.96 -12.94 -15.70
N GLN B 309 21.97 -13.71 -16.11
CA GLN B 309 22.07 -15.11 -15.70
C GLN B 309 22.25 -15.23 -14.19
N ASN B 310 22.86 -14.24 -13.56
CA ASN B 310 23.17 -14.33 -12.13
C ASN B 310 22.32 -13.37 -11.30
N HIS B 311 22.40 -12.06 -11.55
CA HIS B 311 21.74 -11.10 -10.66
C HIS B 311 20.22 -11.18 -10.81
N LEU B 312 19.72 -11.03 -12.05
CA LEU B 312 18.28 -11.01 -12.25
C LEU B 312 17.65 -12.37 -11.96
N THR B 313 18.36 -13.45 -12.30
CA THR B 313 17.82 -14.79 -12.04
C THR B 313 17.72 -15.06 -10.55
N GLN B 314 18.68 -14.54 -9.76
CA GLN B 314 18.56 -14.68 -8.31
C GLN B 314 17.33 -13.96 -7.78
N ILE B 315 17.06 -12.74 -8.28
CA ILE B 315 15.84 -12.03 -7.90
C ILE B 315 14.62 -12.83 -8.29
N LEU B 316 14.62 -13.40 -9.51
CA LEU B 316 13.48 -14.17 -9.97
C LEU B 316 13.21 -15.36 -9.06
N ALA B 317 14.25 -16.05 -8.61
CA ALA B 317 14.06 -17.22 -7.75
C ALA B 317 13.36 -16.82 -6.46
N LEU B 318 13.80 -15.71 -5.84
CA LEU B 318 13.14 -15.26 -4.61
C LEU B 318 11.73 -14.76 -4.88
N LEU B 319 11.49 -14.16 -6.05
CA LEU B 319 10.14 -13.69 -6.40
C LEU B 319 9.20 -14.85 -6.66
N ALA B 320 9.69 -15.93 -7.25
CA ALA B 320 8.80 -16.94 -7.80
C ALA B 320 8.76 -18.24 -7.02
N MET B 321 9.69 -18.47 -6.08
CA MET B 321 9.77 -19.74 -5.38
C MET B 321 8.55 -19.96 -4.49
N GLU B 322 8.35 -21.22 -4.11
CA GLU B 322 7.33 -21.57 -3.14
C GLU B 322 7.77 -21.14 -1.74
N LYS B 323 6.82 -21.16 -0.81
CA LYS B 323 7.10 -20.78 0.56
C LYS B 323 7.88 -21.88 1.28
N PRO B 324 9.04 -21.59 1.85
CA PRO B 324 9.71 -22.58 2.69
C PRO B 324 8.91 -22.79 3.97
N ASN B 325 8.98 -24.02 4.51
CA ASN B 325 8.24 -24.32 5.72
C ASN B 325 8.82 -23.59 6.93
N SER B 326 10.13 -23.41 6.97
CA SER B 326 10.79 -22.63 8.00
C SER B 326 11.79 -21.69 7.33
N LEU B 327 12.39 -20.81 8.13
CA LEU B 327 13.42 -19.91 7.65
C LEU B 327 14.82 -20.50 7.73
N ASP B 328 14.95 -21.82 7.85
CA ASP B 328 16.27 -22.43 7.82
C ASP B 328 16.92 -22.18 6.46
N ALA B 329 18.24 -21.99 6.48
CA ALA B 329 18.96 -21.58 5.28
C ALA B 329 18.73 -22.56 4.14
N GLU B 330 18.84 -23.87 4.42
CA GLU B 330 18.78 -24.86 3.36
C GLU B 330 17.36 -25.09 2.86
N ARG B 331 16.36 -24.88 3.69
CA ARG B 331 14.98 -24.92 3.21
C ARG B 331 14.72 -23.80 2.20
N ILE B 332 15.29 -22.61 2.46
CA ILE B 332 15.14 -21.51 1.51
C ILE B 332 15.84 -21.83 0.20
N ARG B 333 17.09 -22.31 0.28
CA ARG B 333 17.82 -22.62 -0.94
C ARG B 333 17.21 -23.80 -1.70
N ASP B 334 16.62 -24.75 -0.98
CA ASP B 334 15.88 -25.83 -1.65
C ASP B 334 14.77 -25.27 -2.51
N GLU B 335 14.03 -24.28 -2.00
CA GLU B 335 12.93 -23.74 -2.77
C GLU B 335 13.41 -22.92 -3.96
N LYS B 336 14.54 -22.25 -3.83
CA LYS B 336 15.11 -21.55 -4.98
C LYS B 336 15.51 -22.53 -6.07
N VAL B 337 16.21 -23.61 -5.69
CA VAL B 337 16.56 -24.65 -6.65
C VAL B 337 15.31 -25.28 -7.23
N SER B 338 14.33 -25.57 -6.37
CA SER B 338 13.11 -26.20 -6.85
C SER B 338 12.39 -25.32 -7.86
N LEU B 339 12.41 -24.00 -7.65
CA LEU B 339 11.79 -23.10 -8.62
C LEU B 339 12.55 -23.10 -9.94
N LEU B 340 13.88 -22.93 -9.89
CA LEU B 340 14.64 -22.83 -11.12
C LEU B 340 14.54 -24.09 -11.98
N LYS B 341 14.24 -25.24 -11.40
CA LYS B 341 14.06 -26.47 -12.18
C LYS B 341 12.78 -26.48 -13.00
N CYS B 342 11.84 -25.57 -12.74
CA CYS B 342 10.59 -25.51 -13.47
C CYS B 342 10.69 -24.67 -14.74
N ILE B 343 11.87 -24.15 -15.06
CA ILE B 343 12.06 -23.18 -16.13
C ILE B 343 12.73 -23.88 -17.30
N ALA B 344 12.08 -23.83 -18.46
CA ALA B 344 12.68 -24.42 -19.64
C ALA B 344 13.78 -23.51 -20.19
N PRO B 345 14.76 -24.09 -20.89
CA PRO B 345 15.83 -23.25 -21.45
C PRO B 345 15.27 -22.22 -22.40
N ILE B 346 15.87 -21.03 -22.39
CA ILE B 346 15.38 -19.91 -23.19
C ILE B 346 15.76 -20.13 -24.65
N GLY B 347 14.74 -20.16 -25.52
CA GLY B 347 14.98 -20.21 -26.95
C GLY B 347 15.20 -18.84 -27.57
N LYS B 348 15.72 -18.82 -28.79
CA LYS B 348 15.95 -17.55 -29.47
C LYS B 348 14.67 -16.85 -29.89
N ASP B 349 13.53 -17.52 -29.82
CA ASP B 349 12.25 -16.85 -30.06
C ASP B 349 11.74 -16.11 -28.85
N ASP B 350 12.38 -16.29 -27.69
CA ASP B 350 12.01 -15.64 -26.44
C ASP B 350 13.00 -14.56 -26.07
N CYS B 351 13.68 -13.97 -27.06
CA CYS B 351 14.76 -13.05 -26.76
C CYS B 351 14.82 -11.96 -27.81
N VAL B 352 15.32 -10.79 -27.38
CA VAL B 352 15.63 -9.68 -28.27
C VAL B 352 16.94 -9.05 -27.81
N LEU B 353 17.92 -9.00 -28.68
CA LEU B 353 19.24 -8.47 -28.34
C LEU B 353 19.47 -7.11 -29.00
N GLY B 354 20.39 -6.36 -28.42
CA GLY B 354 20.73 -5.05 -28.95
C GLY B 354 22.20 -4.75 -28.71
N GLN B 355 22.73 -3.83 -29.52
CA GLN B 355 24.11 -3.37 -29.40
C GLN B 355 24.10 -1.87 -29.62
N TYR B 356 24.54 -1.11 -28.61
CA TYR B 356 24.41 0.36 -28.67
C TYR B 356 25.28 1.04 -29.72
N THR B 357 24.72 2.07 -30.35
CA THR B 357 25.50 2.88 -31.31
C THR B 357 25.86 4.18 -30.60
N ALA B 358 26.08 5.26 -31.34
CA ALA B 358 26.55 6.52 -30.73
C ALA B 358 25.41 7.27 -30.03
N SER B 359 25.74 8.17 -29.11
CA SER B 359 24.69 8.86 -28.30
C SER B 359 24.10 10.09 -29.00
N ALA B 360 24.20 10.18 -30.33
CA ALA B 360 23.68 11.36 -31.07
C ALA B 360 24.42 12.63 -30.61
N ASP B 361 24.29 13.00 -29.34
CA ASP B 361 25.03 14.17 -28.80
C ASP B 361 26.52 13.87 -28.73
N GLY B 362 26.96 12.71 -29.23
CA GLY B 362 28.40 12.36 -29.25
C GLY B 362 28.93 12.01 -27.87
N SER B 363 28.31 12.54 -26.82
CA SER B 363 28.77 12.28 -25.43
C SER B 363 29.22 10.82 -25.31
N ILE B 364 28.33 9.88 -25.60
CA ILE B 364 28.66 8.43 -25.48
C ILE B 364 28.94 7.88 -26.88
N PRO B 365 30.14 7.35 -27.15
CA PRO B 365 30.45 6.77 -28.44
C PRO B 365 29.79 5.40 -28.66
N GLY B 366 29.92 4.85 -29.87
CA GLY B 366 29.33 3.54 -30.19
C GLY B 366 30.13 2.40 -29.60
N TYR B 367 29.49 1.25 -29.38
CA TYR B 367 30.21 0.07 -28.85
C TYR B 367 31.16 -0.42 -29.94
N LEU B 368 30.69 -0.47 -31.17
CA LEU B 368 31.60 -0.89 -32.24
C LEU B 368 32.61 0.18 -32.59
N GLU B 369 32.46 1.40 -32.09
CA GLU B 369 33.44 2.46 -32.26
C GLU B 369 34.55 2.40 -31.22
N ASP B 370 34.75 1.25 -30.60
CA ASP B 370 35.79 1.03 -29.61
C ASP B 370 36.82 0.08 -30.18
N GLU B 371 38.09 0.49 -30.16
CA GLU B 371 39.14 -0.29 -30.82
C GLU B 371 39.36 -1.64 -30.14
N THR B 372 39.21 -1.71 -28.81
CA THR B 372 39.40 -2.97 -28.12
C THR B 372 38.32 -3.99 -28.45
N VAL B 373 37.19 -3.55 -29.00
CA VAL B 373 36.13 -4.44 -29.44
C VAL B 373 36.48 -4.98 -30.82
N PRO B 374 36.55 -6.29 -31.02
CA PRO B 374 36.76 -6.81 -32.37
C PRO B 374 35.62 -6.41 -33.27
N LYS B 375 35.95 -6.08 -34.52
CA LYS B 375 34.91 -5.63 -35.44
C LYS B 375 34.04 -6.80 -35.89
N GLY B 376 32.80 -6.49 -36.24
CA GLY B 376 31.82 -7.53 -36.50
C GLY B 376 31.43 -8.32 -35.28
N SER B 377 31.49 -7.71 -34.11
CA SER B 377 31.16 -8.38 -32.86
C SER B 377 29.65 -8.55 -32.73
N THR B 378 29.22 -9.74 -32.34
CA THR B 378 27.82 -10.02 -32.06
C THR B 378 27.51 -9.95 -30.57
N CYS B 379 28.29 -9.22 -29.80
CA CYS B 379 28.11 -9.16 -28.35
C CYS B 379 26.94 -8.24 -28.02
N PRO B 380 25.94 -8.72 -27.28
CA PRO B 380 24.78 -7.88 -26.96
C PRO B 380 25.05 -7.01 -25.72
N THR B 381 24.79 -5.71 -25.86
CA THR B 381 24.78 -4.81 -24.73
C THR B 381 23.38 -4.58 -24.19
N PHE B 382 22.38 -5.22 -24.79
CA PHE B 382 20.97 -5.09 -24.42
C PHE B 382 20.31 -6.45 -24.63
N ALA B 383 19.40 -6.80 -23.72
CA ALA B 383 18.67 -8.05 -23.89
C ALA B 383 17.38 -8.00 -23.09
N VAL B 384 16.31 -8.51 -23.72
CA VAL B 384 14.99 -8.71 -23.08
C VAL B 384 14.68 -10.18 -23.30
N LEU B 385 14.47 -10.96 -22.24
CA LEU B 385 14.23 -12.40 -22.35
C LEU B 385 12.90 -12.75 -21.72
N ARG B 386 12.19 -13.70 -22.34
CA ARG B 386 10.93 -14.20 -21.81
C ARG B 386 11.17 -15.61 -21.28
N LEU B 387 10.79 -15.84 -20.03
CA LEU B 387 10.94 -17.12 -19.37
C LEU B 387 9.58 -17.71 -19.05
N HIS B 388 9.48 -19.03 -19.14
CA HIS B 388 8.28 -19.79 -18.81
C HIS B 388 8.56 -20.61 -17.56
N ILE B 389 7.76 -20.40 -16.51
CA ILE B 389 7.89 -21.16 -15.27
C ILE B 389 6.78 -22.20 -15.27
N ASN B 390 7.16 -23.47 -15.45
CA ASN B 390 6.20 -24.56 -15.57
C ASN B 390 5.91 -25.16 -14.21
N ASN B 391 4.98 -24.53 -13.49
CA ASN B 391 4.43 -25.13 -12.29
C ASN B 391 3.05 -24.52 -12.03
N ASP B 392 2.41 -24.97 -10.96
CA ASP B 392 1.01 -24.64 -10.74
C ASP B 392 0.80 -23.18 -10.34
N ARG B 393 1.81 -22.56 -9.73
CA ARG B 393 1.70 -21.17 -9.33
C ARG B 393 1.87 -20.20 -10.50
N TRP B 394 2.70 -20.55 -11.48
CA TRP B 394 3.14 -19.59 -12.50
C TRP B 394 2.82 -20.01 -13.93
N ALA B 395 2.10 -21.12 -14.12
CA ALA B 395 1.84 -21.58 -15.48
C ALA B 395 1.09 -20.52 -16.29
N GLY B 396 1.65 -20.16 -17.44
CA GLY B 396 1.05 -19.19 -18.31
C GLY B 396 1.45 -17.75 -18.06
N VAL B 397 2.09 -17.46 -16.93
CA VAL B 397 2.49 -16.10 -16.55
C VAL B 397 3.82 -15.75 -17.20
N PRO B 398 3.86 -14.73 -18.07
CA PRO B 398 5.13 -14.32 -18.67
C PRO B 398 6.06 -13.67 -17.65
N PHE B 399 7.33 -14.09 -17.67
CA PHE B 399 8.39 -13.47 -16.89
C PHE B 399 9.38 -12.86 -17.87
N ILE B 400 9.63 -11.56 -17.73
CA ILE B 400 10.53 -10.84 -18.61
C ILE B 400 11.74 -10.40 -17.79
N LEU B 401 12.92 -10.76 -18.25
CA LEU B 401 14.18 -10.22 -17.74
C LEU B 401 14.69 -9.20 -18.73
N LYS B 402 14.91 -7.98 -18.27
CA LYS B 402 15.40 -6.90 -19.16
C LYS B 402 16.68 -6.30 -18.58
N ALA B 403 17.71 -6.21 -19.40
CA ALA B 403 18.97 -5.60 -18.99
C ALA B 403 19.56 -4.89 -20.19
N GLY B 404 20.16 -3.72 -19.93
CA GLY B 404 20.73 -2.94 -20.99
C GLY B 404 21.67 -1.86 -20.51
N LYS B 405 22.80 -1.72 -21.19
CA LYS B 405 23.71 -0.61 -20.97
C LYS B 405 23.43 0.49 -21.99
N ALA B 406 23.75 1.72 -21.62
CA ALA B 406 23.55 2.90 -22.48
C ALA B 406 22.08 3.07 -22.85
N VAL B 407 21.23 3.15 -21.82
CA VAL B 407 19.80 3.36 -22.02
C VAL B 407 19.39 4.65 -21.31
N GLU B 408 18.08 4.94 -21.30
CA GLU B 408 17.60 6.26 -20.91
C GLU B 408 17.80 6.56 -19.42
N GLN B 409 17.96 5.56 -18.57
CA GLN B 409 18.08 5.85 -17.15
C GLN B 409 18.81 4.73 -16.44
N LYS B 410 19.29 5.03 -15.22
CA LYS B 410 19.94 4.06 -14.34
C LYS B 410 18.89 3.55 -13.36
N TYR B 411 18.65 2.24 -13.36
CA TYR B 411 17.42 1.72 -12.78
C TYR B 411 17.48 0.21 -12.58
N VAL B 412 17.20 -0.26 -11.37
CA VAL B 412 16.99 -1.68 -11.10
C VAL B 412 15.69 -1.82 -10.33
N ALA B 413 14.71 -2.54 -10.91
CA ALA B 413 13.41 -2.65 -10.26
C ALA B 413 12.70 -3.93 -10.70
N ILE B 414 11.73 -4.32 -9.87
CA ILE B 414 10.80 -5.40 -10.14
C ILE B 414 9.43 -4.79 -10.41
N ARG B 415 8.78 -5.23 -11.48
CA ARG B 415 7.41 -4.75 -11.78
C ARG B 415 6.47 -5.94 -11.94
N ILE B 416 5.50 -6.07 -11.05
CA ILE B 416 4.50 -7.13 -11.10
C ILE B 416 3.18 -6.51 -11.54
N GLN B 417 2.67 -6.96 -12.67
CA GLN B 417 1.38 -6.51 -13.19
C GLN B 417 0.31 -7.52 -12.82
N PHE B 418 -0.73 -7.05 -12.13
CA PHE B 418 -1.88 -7.87 -11.82
C PHE B 418 -2.90 -7.81 -12.96
N LYS B 419 -3.78 -8.80 -13.00
CA LYS B 419 -4.81 -8.85 -14.02
C LYS B 419 -5.83 -7.73 -13.80
N ASP B 420 -6.49 -7.33 -14.89
CA ASP B 420 -7.57 -6.36 -14.78
C ASP B 420 -8.71 -6.90 -13.92
N GLU B 421 -9.30 -6.02 -13.13
CA GLU B 421 -10.64 -6.27 -12.61
C GLU B 421 -11.61 -5.79 -13.70
N ILE B 422 -12.12 -6.74 -14.49
CA ILE B 422 -12.82 -6.37 -15.72
C ILE B 422 -14.12 -5.65 -15.43
N ARG B 423 -14.92 -6.17 -14.49
CA ARG B 423 -16.19 -5.55 -14.14
C ARG B 423 -16.19 -5.06 -12.70
N PRO B 424 -16.91 -3.98 -12.38
CA PRO B 424 -17.79 -3.17 -13.26
C PRO B 424 -17.13 -1.96 -13.90
N TYR B 425 -15.82 -1.73 -13.73
CA TYR B 425 -15.22 -0.48 -14.17
C TYR B 425 -14.71 -0.49 -15.60
N GLY B 426 -14.34 -1.66 -16.13
CA GLY B 426 -13.91 -1.73 -17.53
C GLY B 426 -12.74 -0.82 -17.84
N ASP B 427 -12.90 -0.01 -18.90
CA ASP B 427 -11.83 0.91 -19.31
C ASP B 427 -11.54 1.98 -18.28
N ALA B 428 -12.44 2.18 -17.32
CA ALA B 428 -12.23 3.15 -16.25
C ALA B 428 -11.29 2.64 -15.16
N ALA B 429 -10.78 1.41 -15.28
CA ALA B 429 -9.77 0.90 -14.36
C ALA B 429 -8.55 0.48 -15.16
N GLN B 430 -7.43 0.35 -14.45
CA GLN B 430 -6.21 -0.19 -15.05
C GLN B 430 -5.62 -1.23 -14.12
N ARG B 431 -4.75 -2.07 -14.70
CA ARG B 431 -4.13 -3.14 -13.95
C ARG B 431 -3.38 -2.59 -12.75
N ASN B 432 -3.59 -3.21 -11.59
CA ASN B 432 -2.77 -2.91 -10.43
C ASN B 432 -1.34 -3.35 -10.68
N GLU B 433 -0.41 -2.69 -10.00
CA GLU B 433 0.99 -3.04 -10.11
C GLU B 433 1.65 -2.98 -8.75
N LEU B 434 2.56 -3.91 -8.52
CA LEU B 434 3.50 -3.85 -7.40
C LEU B 434 4.87 -3.56 -7.98
N VAL B 435 5.52 -2.53 -7.46
CA VAL B 435 6.84 -2.11 -7.91
C VAL B 435 7.79 -2.18 -6.73
N ILE B 436 8.93 -2.83 -6.93
CA ILE B 436 10.00 -2.89 -5.94
C ILE B 436 11.24 -2.37 -6.64
N ARG B 437 11.75 -1.23 -6.20
CA ARG B 437 12.91 -0.61 -6.82
C ARG B 437 14.10 -0.76 -5.89
N ALA B 438 15.24 -1.20 -6.44
CA ALA B 438 16.47 -1.34 -5.67
C ALA B 438 17.42 -0.18 -5.89
N GLN B 439 17.61 0.24 -7.14
CA GLN B 439 18.46 1.35 -7.50
C GLN B 439 17.72 2.31 -8.42
N PRO B 440 18.02 3.61 -8.35
CA PRO B 440 19.01 4.27 -7.48
C PRO B 440 18.50 4.45 -6.05
N SER B 441 17.20 4.66 -5.89
CA SER B 441 16.59 4.89 -4.59
C SER B 441 15.63 3.76 -4.29
N GLU B 442 15.76 3.17 -3.10
CA GLU B 442 14.90 2.06 -2.70
C GLU B 442 13.46 2.53 -2.56
N ALA B 443 12.52 1.69 -3.03
CA ALA B 443 11.10 2.02 -2.95
C ALA B 443 10.28 0.77 -3.19
N MET B 444 9.11 0.72 -2.54
CA MET B 444 8.08 -0.26 -2.83
C MET B 444 6.73 0.44 -2.82
N TYR B 445 5.96 0.30 -3.90
CA TYR B 445 4.67 0.96 -3.95
C TYR B 445 3.69 0.14 -4.78
N MET B 446 2.41 0.31 -4.48
CA MET B 446 1.30 -0.30 -5.20
C MET B 446 0.58 0.77 -6.01
N LYS B 447 0.35 0.49 -7.29
CA LYS B 447 -0.45 1.35 -8.16
C LYS B 447 -1.86 0.81 -8.20
N ILE B 448 -2.85 1.64 -7.84
CA ILE B 448 -4.24 1.23 -7.76
C ILE B 448 -5.14 2.30 -8.38
N THR B 449 -6.38 1.92 -8.62
CA THR B 449 -7.39 2.80 -9.17
C THR B 449 -8.28 3.33 -8.06
N THR B 450 -8.42 4.65 -8.01
CA THR B 450 -9.18 5.34 -6.98
C THR B 450 -10.11 6.36 -7.63
N LYS B 451 -11.19 6.67 -6.92
CA LYS B 451 -12.15 7.68 -7.41
C LYS B 451 -11.45 9.03 -7.56
N MET B 452 -11.85 9.77 -8.57
CA MET B 452 -11.34 11.12 -8.77
C MET B 452 -11.71 11.99 -7.58
N PRO B 453 -10.75 12.67 -6.95
CA PRO B 453 -11.10 13.59 -5.87
C PRO B 453 -12.01 14.71 -6.35
N GLY B 454 -12.90 15.15 -5.47
CA GLY B 454 -13.79 16.27 -5.78
C GLY B 454 -15.18 15.83 -6.21
N LEU B 455 -15.95 16.83 -6.63
CA LEU B 455 -17.29 16.57 -7.14
C LEU B 455 -17.22 15.77 -8.43
N ASN B 456 -17.80 14.58 -8.42
CA ASN B 456 -17.82 13.67 -9.57
C ASN B 456 -19.25 13.48 -10.02
N GLU B 457 -19.43 13.40 -11.34
CA GLU B 457 -20.76 13.15 -11.90
C GLU B 457 -21.13 11.66 -11.88
N ASP B 458 -20.14 10.76 -11.98
CA ASP B 458 -20.43 9.33 -11.98
C ASP B 458 -19.22 8.57 -11.43
N LEU B 459 -19.42 7.30 -11.11
CA LEU B 459 -18.33 6.53 -10.46
C LEU B 459 -17.26 6.11 -11.47
N ARG B 460 -17.49 6.31 -12.77
CA ARG B 460 -16.48 6.01 -13.76
C ARG B 460 -15.36 7.05 -13.84
N GLU B 461 -15.42 8.12 -13.05
CA GLU B 461 -14.35 9.11 -13.04
C GLU B 461 -13.32 8.71 -11.99
N THR B 462 -12.27 8.03 -12.45
CA THR B 462 -11.24 7.47 -11.59
C THR B 462 -9.89 8.08 -11.93
N HIS B 463 -8.91 7.82 -11.05
CA HIS B 463 -7.52 8.16 -11.36
C HIS B 463 -6.61 7.13 -10.70
N GLN B 464 -5.38 7.07 -11.19
CA GLN B 464 -4.37 6.15 -10.67
C GLN B 464 -3.59 6.79 -9.52
N THR B 465 -3.49 6.03 -8.46
CA THR B 465 -2.78 6.53 -7.26
C THR B 465 -1.78 5.48 -6.79
N GLU B 466 -1.06 5.76 -5.71
CA GLU B 466 0.00 4.89 -5.23
C GLU B 466 -0.12 4.71 -3.73
N LEU B 467 0.25 3.51 -3.27
CA LEU B 467 0.45 3.22 -1.86
C LEU B 467 1.94 3.00 -1.67
N ASP B 468 2.63 3.99 -1.09
CA ASP B 468 4.09 3.99 -1.00
C ASP B 468 4.55 3.58 0.39
N LEU B 469 5.61 2.78 0.43
CA LEU B 469 6.21 2.35 1.69
C LEU B 469 6.86 3.53 2.40
N THR B 470 6.64 3.62 3.71
CA THR B 470 7.13 4.74 4.51
C THR B 470 8.31 4.36 5.40
N PRO B 480 24.01 0.22 4.09
CA PRO B 480 24.71 -1.02 4.37
C PRO B 480 25.17 -1.70 3.07
N ASP B 481 26.47 -1.80 2.86
CA ASP B 481 27.00 -2.46 1.64
C ASP B 481 26.54 -3.92 1.63
N ALA B 482 26.37 -4.48 0.43
CA ALA B 482 25.98 -5.89 0.30
C ALA B 482 27.04 -6.76 0.96
N TYR B 483 28.31 -6.42 0.76
CA TYR B 483 29.40 -7.23 1.32
C TYR B 483 29.33 -7.20 2.85
N GLU B 484 28.95 -6.06 3.44
CA GLU B 484 28.85 -6.12 4.90
C GLU B 484 27.85 -7.18 5.32
N SER B 485 26.69 -7.21 4.67
CA SER B 485 25.67 -8.18 5.02
C SER B 485 26.13 -9.61 4.73
N LEU B 486 26.75 -9.81 3.57
CA LEU B 486 27.18 -11.16 3.19
C LEU B 486 28.30 -11.67 4.09
N ILE B 487 29.28 -10.82 4.41
CA ILE B 487 30.39 -11.26 5.24
C ILE B 487 29.91 -11.62 6.64
N SER B 488 29.03 -10.80 7.22
CA SER B 488 28.47 -11.13 8.53
C SER B 488 27.68 -12.44 8.49
N ASP B 489 26.95 -12.68 7.41
CA ASP B 489 26.24 -13.95 7.26
C ASP B 489 27.21 -15.12 7.24
N ALA B 490 28.31 -14.98 6.51
CA ALA B 490 29.32 -16.05 6.46
C ALA B 490 29.92 -16.29 7.83
N LEU B 491 30.16 -15.23 8.61
CA LEU B 491 30.74 -15.39 9.94
C LEU B 491 29.81 -16.15 10.87
N ARG B 492 28.50 -15.94 10.74
CA ARG B 492 27.52 -16.60 11.58
C ARG B 492 27.08 -17.96 11.01
N GLY B 493 27.60 -18.37 9.86
CA GLY B 493 27.24 -19.65 9.29
C GLY B 493 25.90 -19.68 8.60
N ASN B 494 25.40 -18.53 8.14
CA ASN B 494 24.10 -18.44 7.48
C ASN B 494 24.32 -18.42 5.97
N SER B 495 23.94 -19.51 5.31
CA SER B 495 24.16 -19.64 3.87
C SER B 495 22.95 -19.22 3.04
N THR B 496 21.96 -18.57 3.66
CA THR B 496 20.72 -18.24 2.94
C THR B 496 21.01 -17.43 1.69
N ASN B 497 21.88 -16.42 1.79
CA ASN B 497 22.15 -15.49 0.70
C ASN B 497 23.41 -15.85 -0.07
N PHE B 498 23.70 -17.14 -0.23
CA PHE B 498 24.83 -17.61 -1.00
C PHE B 498 24.36 -18.70 -1.96
N VAL B 499 25.00 -18.77 -3.12
CA VAL B 499 24.56 -19.63 -4.21
C VAL B 499 25.04 -21.06 -3.95
N ARG B 500 24.08 -21.99 -3.89
CA ARG B 500 24.45 -23.39 -3.74
C ARG B 500 24.88 -23.97 -5.08
N LYS B 501 25.61 -25.10 -5.01
CA LYS B 501 26.20 -25.68 -6.21
C LYS B 501 25.12 -26.11 -7.21
N ASP B 502 24.06 -26.75 -6.72
CA ASP B 502 23.01 -27.19 -7.64
C ASP B 502 22.23 -26.01 -8.21
N GLU B 503 22.01 -24.97 -7.38
CA GLU B 503 21.38 -23.75 -7.86
C GLU B 503 22.19 -23.14 -9.01
N LEU B 504 23.52 -23.17 -8.89
CA LEU B 504 24.38 -22.62 -9.94
C LEU B 504 24.25 -23.39 -11.24
N ASP B 505 24.17 -24.72 -11.16
CA ASP B 505 24.12 -25.52 -12.39
C ASP B 505 22.77 -25.36 -13.09
N VAL B 506 21.67 -25.39 -12.32
CA VAL B 506 20.35 -25.22 -12.91
C VAL B 506 20.22 -23.84 -13.55
N ALA B 507 20.73 -22.81 -12.88
CA ALA B 507 20.67 -21.47 -13.45
C ALA B 507 21.44 -21.39 -14.76
N TRP B 508 22.60 -22.04 -14.84
CA TRP B 508 23.38 -22.01 -16.07
C TRP B 508 22.66 -22.71 -17.21
N ARG B 509 21.98 -23.82 -16.92
CA ARG B 509 21.32 -24.58 -17.98
C ARG B 509 20.18 -23.81 -18.62
N ILE B 510 19.58 -22.84 -17.90
CA ILE B 510 18.50 -22.05 -18.48
C ILE B 510 19.03 -21.17 -19.62
N PHE B 511 20.20 -20.56 -19.42
CA PHE B 511 20.72 -19.56 -20.35
C PHE B 511 21.75 -20.11 -21.33
N THR B 512 22.38 -21.24 -21.03
CA THR B 512 23.51 -21.70 -21.83
C THR B 512 23.15 -21.99 -23.29
N PRO B 513 22.08 -22.73 -23.60
CA PRO B 513 21.81 -22.98 -25.04
C PRO B 513 21.64 -21.72 -25.85
N LEU B 514 21.03 -20.68 -25.27
CA LEU B 514 20.91 -19.40 -25.97
C LEU B 514 22.28 -18.73 -26.12
N LEU B 515 23.09 -18.78 -25.06
CA LEU B 515 24.42 -18.15 -25.12
C LEU B 515 25.27 -18.80 -26.20
N HIS B 516 25.19 -20.12 -26.35
CA HIS B 516 25.92 -20.79 -27.41
C HIS B 516 25.42 -20.37 -28.79
N GLN B 517 24.11 -20.23 -28.94
CA GLN B 517 23.58 -19.78 -30.22
C GLN B 517 24.03 -18.36 -30.55
N ILE B 518 24.09 -17.49 -29.53
CA ILE B 518 24.54 -16.12 -29.75
C ILE B 518 26.01 -16.11 -30.21
N ASP B 519 26.84 -16.90 -29.54
CA ASP B 519 28.25 -16.95 -29.90
C ASP B 519 28.45 -17.54 -31.30
N LYS B 520 27.67 -18.56 -31.65
CA LYS B 520 27.70 -19.12 -32.99
C LYS B 520 27.19 -18.14 -34.05
N GLY B 521 26.55 -17.05 -33.65
CA GLY B 521 26.04 -16.07 -34.59
C GLY B 521 24.60 -16.25 -34.99
N GLU B 522 23.88 -17.20 -34.39
CA GLU B 522 22.50 -17.46 -34.76
C GLU B 522 21.55 -16.34 -34.33
N VAL B 523 22.01 -15.40 -33.51
CA VAL B 523 21.21 -14.24 -33.12
C VAL B 523 22.04 -13.00 -33.37
N LYS B 524 21.44 -12.00 -34.02
CA LYS B 524 22.10 -10.75 -34.35
C LYS B 524 21.48 -9.62 -33.55
N PRO B 525 22.27 -8.84 -32.82
CA PRO B 525 21.70 -7.73 -32.07
C PRO B 525 21.18 -6.64 -32.99
N ILE B 526 20.28 -5.83 -32.45
CA ILE B 526 19.63 -4.75 -33.20
C ILE B 526 20.27 -3.44 -32.75
N PRO B 527 20.82 -2.62 -33.66
CA PRO B 527 21.46 -1.37 -33.24
C PRO B 527 20.47 -0.41 -32.62
N TYR B 528 20.94 0.32 -31.59
CA TYR B 528 20.17 1.38 -30.97
C TYR B 528 21.13 2.44 -30.47
N GLN B 529 20.72 3.71 -30.58
CA GLN B 529 21.58 4.79 -30.10
C GLN B 529 21.66 4.79 -28.58
N ALA B 530 22.85 5.09 -28.07
CA ALA B 530 23.03 5.25 -26.64
C ALA B 530 22.15 6.39 -26.14
N GLY B 531 21.45 6.16 -25.04
CA GLY B 531 20.55 7.13 -24.48
C GLY B 531 19.09 6.90 -24.79
N THR B 532 18.79 6.07 -25.79
CA THR B 532 17.42 5.68 -26.07
C THR B 532 17.01 4.53 -25.16
N ARG B 533 15.80 4.02 -25.36
CA ARG B 533 15.31 2.88 -24.56
C ARG B 533 15.88 1.56 -25.03
N GLY B 534 16.38 1.48 -26.26
CA GLY B 534 16.81 0.24 -26.85
C GLY B 534 16.09 0.00 -28.16
N PRO B 535 16.20 -1.19 -28.70
CA PRO B 535 15.50 -1.50 -29.96
C PRO B 535 14.00 -1.40 -29.79
N LYS B 536 13.32 -0.89 -30.83
CA LYS B 536 11.87 -0.84 -30.80
C LYS B 536 11.27 -2.24 -30.74
N GLU B 537 11.94 -3.21 -31.36
CA GLU B 537 11.46 -4.59 -31.34
C GLU B 537 11.40 -5.13 -29.92
N ALA B 538 12.23 -4.61 -29.03
CA ALA B 538 12.20 -5.06 -27.63
C ALA B 538 10.88 -4.68 -26.97
N ASP B 539 10.44 -3.43 -27.15
CA ASP B 539 9.19 -3.00 -26.54
C ASP B 539 7.99 -3.69 -27.17
N ASP B 540 8.05 -3.96 -28.48
CA ASP B 540 6.98 -4.73 -29.11
C ASP B 540 6.96 -6.17 -28.59
N PHE B 541 8.14 -6.73 -28.32
CA PHE B 541 8.22 -8.06 -27.72
C PHE B 541 7.58 -8.08 -26.34
N ILE B 542 7.80 -7.04 -25.55
CA ILE B 542 7.22 -6.99 -24.20
C ILE B 542 5.70 -6.89 -24.26
N LEU B 543 5.19 -6.01 -25.12
CA LEU B 543 3.75 -5.87 -25.26
C LEU B 543 3.12 -7.16 -25.76
N ASN B 544 3.75 -7.82 -26.74
CA ASN B 544 3.23 -9.06 -27.28
C ASN B 544 3.26 -10.20 -26.25
N SER B 545 4.06 -10.07 -25.20
CA SER B 545 4.13 -11.10 -24.18
C SER B 545 2.97 -11.01 -23.19
N GLY B 546 2.27 -9.89 -23.12
CA GLY B 546 1.15 -9.78 -22.21
C GLY B 546 1.23 -8.62 -21.25
N PHE B 547 2.20 -7.73 -21.47
CA PHE B 547 2.35 -6.54 -20.64
C PHE B 547 1.53 -5.40 -21.22
N LYS B 548 0.84 -4.67 -20.34
CA LYS B 548 0.14 -3.45 -20.73
C LYS B 548 0.94 -2.28 -20.17
N PHE B 549 1.69 -1.63 -21.05
CA PHE B 549 2.45 -0.45 -20.63
C PHE B 549 1.51 0.73 -20.53
N GLN B 550 1.60 1.47 -19.42
CA GLN B 550 0.71 2.61 -19.24
C GLN B 550 1.48 3.93 -19.27
#